data_4HZB
#
_entry.id   4HZB
#
_cell.length_a   56.199
_cell.length_b   126.943
_cell.length_c   143.814
_cell.angle_alpha   90.00
_cell.angle_beta   90.00
_cell.angle_gamma   90.00
#
_symmetry.space_group_name_H-M   'P 21 21 2'
#
loop_
_entity.id
_entity.type
_entity.pdbx_description
1 polymer 'Putative cytoplasmic protein'
2 polymer 'Putative periplasmic protein'
3 water water
#
loop_
_entity_poly.entity_id
_entity_poly.type
_entity_poly.pdbx_seq_one_letter_code
_entity_poly.pdbx_strand_id
1 'polypeptide(L)'
;(MSE)YKGISAANYAASNIEPNSVGRCAEYVRKAIEWGGISLQRTRSAKDYGPSLLAAGFHEAIGSP(MSE)KGDVIVIQ
PAPGHPHGH(MSE)AIYDGSHWISDFKQLHGFYPGPAYRSAKPAYKTYRYH
;
A,D
2 'polypeptide(L)'
;(MSE)GSSHHHHHHENLYFQGH(MSE)GSAQAAVSQNSPEAAAISFYTWFIQHDSDQTYPLSEPDIERYVATDTVGRLRN
DYAHAGPPNGVDYFLKVQDYDSRDWLAHIQVQRAL(MSE)LGDVAVVPVSFGSQDPVHVLVFLKRVDATWKIIKIDDTWE
YR
;
B,C,E,F
#
# COMPACT_ATOMS: atom_id res chain seq x y z
N GLY A 4 -36.49 9.04 18.13
CA GLY A 4 -36.07 8.15 17.07
C GLY A 4 -35.83 8.91 15.77
N ILE A 5 -36.93 9.38 15.20
CA ILE A 5 -36.91 10.30 14.06
C ILE A 5 -35.99 11.54 14.20
N SER A 6 -36.00 12.18 15.37
CA SER A 6 -35.16 13.37 15.56
C SER A 6 -33.67 13.03 15.71
N ALA A 7 -33.39 11.77 16.05
CA ALA A 7 -32.02 11.22 16.12
C ALA A 7 -31.48 10.96 14.71
N ALA A 8 -32.31 10.34 13.86
CA ALA A 8 -32.02 10.22 12.44
C ALA A 8 -31.78 11.61 11.82
N ASN A 9 -32.66 12.55 12.15
CA ASN A 9 -32.48 13.94 11.72
C ASN A 9 -31.14 14.53 12.15
N TYR A 10 -30.76 14.28 13.40
CA TYR A 10 -29.48 14.76 13.91
C TYR A 10 -28.30 14.21 13.12
N ALA A 11 -28.27 12.88 12.99
CA ALA A 11 -27.21 12.22 12.25
C ALA A 11 -27.13 12.79 10.85
N ALA A 12 -28.26 12.84 10.15
CA ALA A 12 -28.28 13.36 8.78
C ALA A 12 -27.84 14.82 8.69
N SER A 13 -28.08 15.60 9.74
CA SER A 13 -27.69 17.01 9.73
C SER A 13 -26.22 17.19 10.02
N ASN A 14 -25.62 16.18 10.65
CA ASN A 14 -24.24 16.36 11.13
C ASN A 14 -23.19 15.43 10.52
N ILE A 15 -23.37 15.10 9.25
CA ILE A 15 -22.47 14.16 8.61
C ILE A 15 -21.17 14.86 8.19
N GLU A 16 -20.11 14.08 8.04
CA GLU A 16 -18.93 14.57 7.34
C GLU A 16 -19.16 14.17 5.87
N PRO A 17 -18.39 14.75 4.94
CA PRO A 17 -18.48 14.36 3.52
C PRO A 17 -18.16 12.87 3.27
N ASN A 18 -17.28 12.34 4.12
CA ASN A 18 -16.69 11.02 3.98
C ASN A 18 -16.39 10.52 5.37
N SER A 19 -16.19 9.21 5.50
CA SER A 19 -15.90 8.60 6.79
C SER A 19 -14.74 9.31 7.49
N VAL A 20 -14.81 9.41 8.82
CA VAL A 20 -13.72 9.93 9.62
C VAL A 20 -13.37 8.94 10.72
N GLY A 21 -13.83 7.69 10.56
CA GLY A 21 -13.48 6.60 11.47
C GLY A 21 -14.14 6.76 12.82
N ARG A 22 -15.35 7.34 12.77
CA ARG A 22 -16.06 7.78 13.95
C ARG A 22 -17.52 7.50 13.77
N CYS A 23 -17.86 6.42 13.08
CA CYS A 23 -19.25 6.04 12.92
C CYS A 23 -19.98 5.91 14.28
N ALA A 24 -19.34 5.23 15.24
CA ALA A 24 -19.93 5.00 16.55
C ALA A 24 -20.26 6.30 17.29
N GLU A 25 -19.26 7.16 17.50
CA GLU A 25 -19.51 8.46 18.13
C GLU A 25 -20.61 9.28 17.45
N TYR A 26 -20.63 9.27 16.12
CA TYR A 26 -21.60 10.05 15.36
C TYR A 26 -23.05 9.58 15.55
N VAL A 27 -23.23 8.26 15.55
CA VAL A 27 -24.53 7.67 15.84
C VAL A 27 -24.92 7.78 17.33
N ARG A 28 -23.96 7.64 18.25
CA ARG A 28 -24.26 7.81 19.67
C ARG A 28 -24.67 9.26 19.98
N LYS A 29 -24.02 10.23 19.32
CA LYS A 29 -24.39 11.64 19.45
C LYS A 29 -25.79 11.87 18.87
N ALA A 30 -26.10 11.17 17.78
CA ALA A 30 -27.46 11.25 17.23
C ALA A 30 -28.50 10.69 18.21
N ILE A 31 -28.20 9.58 18.86
CA ILE A 31 -29.11 8.99 19.85
C ILE A 31 -29.30 9.90 21.07
N GLU A 32 -28.20 10.50 21.55
CA GLU A 32 -28.25 11.49 22.62
C GLU A 32 -29.17 12.68 22.28
N TRP A 33 -29.06 13.19 21.06
CA TRP A 33 -29.98 14.27 20.63
C TRP A 33 -31.45 13.87 20.68
N GLY A 34 -31.72 12.60 20.39
CA GLY A 34 -33.07 12.06 20.41
C GLY A 34 -33.52 11.51 21.77
N GLY A 35 -32.78 11.85 22.82
CA GLY A 35 -33.22 11.54 24.17
C GLY A 35 -32.40 10.56 24.98
N ILE A 36 -31.78 9.59 24.32
CA ILE A 36 -31.08 8.51 25.03
C ILE A 36 -29.54 8.66 25.05
N SER A 37 -28.97 8.59 26.26
CA SER A 37 -27.54 8.52 26.44
C SER A 37 -27.13 7.05 26.67
N LEU A 38 -26.22 6.58 25.82
CA LEU A 38 -25.84 5.17 25.78
C LEU A 38 -24.53 4.90 26.54
N GLN A 39 -24.43 3.72 27.13
CA GLN A 39 -23.15 3.32 27.71
C GLN A 39 -22.19 3.03 26.54
N ARG A 40 -20.99 3.58 26.64
CA ARG A 40 -20.05 3.52 25.54
C ARG A 40 -19.30 2.22 25.42
N THR A 41 -18.91 1.92 24.19
CA THR A 41 -17.81 1.02 23.89
C THR A 41 -16.91 1.78 22.90
N ARG A 42 -15.67 1.31 22.71
CA ARG A 42 -14.75 2.00 21.80
C ARG A 42 -15.10 1.69 20.36
N SER A 43 -15.56 0.46 20.12
CA SER A 43 -15.70 -0.02 18.76
C SER A 43 -17.12 -0.37 18.40
N ALA A 44 -17.52 0.06 17.21
CA ALA A 44 -18.87 -0.15 16.68
C ALA A 44 -19.44 -1.57 16.76
N LYS A 45 -18.59 -2.58 16.57
CA LYS A 45 -19.08 -3.95 16.62
C LYS A 45 -19.65 -4.33 18.00
N ASP A 46 -19.20 -3.64 19.05
CA ASP A 46 -19.60 -3.97 20.41
C ASP A 46 -20.71 -3.08 21.02
N TYR A 47 -21.48 -2.40 20.17
CA TYR A 47 -22.47 -1.45 20.66
C TYR A 47 -23.84 -2.06 20.92
N GLY A 48 -23.99 -3.36 20.61
CA GLY A 48 -25.24 -4.06 20.81
C GLY A 48 -25.80 -4.06 22.23
N PRO A 49 -25.05 -4.66 23.17
CA PRO A 49 -25.47 -4.68 24.58
C PRO A 49 -25.79 -3.31 25.18
N SER A 50 -25.06 -2.29 24.75
CA SER A 50 -25.32 -0.90 25.17
C SER A 50 -26.69 -0.40 24.69
N LEU A 51 -27.13 -0.94 23.55
CA LEU A 51 -28.40 -0.57 22.94
C LEU A 51 -29.58 -1.35 23.54
N LEU A 52 -29.40 -2.67 23.67
CA LEU A 52 -30.37 -3.52 24.34
C LEU A 52 -30.64 -3.03 25.76
N ALA A 53 -29.57 -2.66 26.45
CA ALA A 53 -29.65 -2.10 27.80
C ALA A 53 -30.55 -0.86 27.82
N ALA A 54 -30.38 0.03 26.85
CA ALA A 54 -31.07 1.32 26.84
C ALA A 54 -32.53 1.23 26.41
N GLY A 55 -33.01 0.00 26.17
CA GLY A 55 -34.40 -0.23 25.85
C GLY A 55 -34.68 -0.46 24.38
N PHE A 56 -33.65 -0.93 23.68
CA PHE A 56 -33.80 -1.31 22.27
C PHE A 56 -34.08 -2.79 22.19
N HIS A 57 -34.72 -3.18 21.09
CA HIS A 57 -34.97 -4.58 20.79
C HIS A 57 -34.50 -4.82 19.35
N GLU A 58 -34.17 -6.07 19.02
CA GLU A 58 -33.78 -6.43 17.66
C GLU A 58 -34.94 -6.39 16.66
N ALA A 59 -34.75 -5.63 15.60
CA ALA A 59 -35.65 -5.63 14.46
C ALA A 59 -35.11 -6.55 13.36
N ILE A 60 -36.01 -6.96 12.46
CA ILE A 60 -35.71 -7.80 11.31
C ILE A 60 -36.74 -7.41 10.25
N GLY A 61 -36.29 -7.12 9.04
CA GLY A 61 -37.21 -6.67 8.01
C GLY A 61 -36.85 -5.25 7.56
N SER A 62 -37.69 -4.68 6.72
CA SER A 62 -37.43 -3.36 6.16
C SER A 62 -37.22 -2.30 7.24
N PRO A 63 -36.28 -1.35 7.01
CA PRO A 63 -35.86 -0.32 7.97
C PRO A 63 -36.84 0.82 8.16
N LYS A 65 -37.38 4.80 9.88
CA LYS A 65 -36.58 5.98 10.19
C LYS A 65 -36.19 6.00 11.68
N GLY A 66 -34.88 5.85 11.93
CA GLY A 66 -34.37 5.86 13.29
C GLY A 66 -33.70 4.56 13.70
N ASP A 67 -33.87 3.52 12.89
CA ASP A 67 -33.26 2.20 13.15
C ASP A 67 -31.72 2.22 13.19
N VAL A 68 -31.16 1.45 14.11
CA VAL A 68 -29.71 1.38 14.25
C VAL A 68 -29.16 0.01 13.82
N ILE A 69 -28.23 0.03 12.86
CA ILE A 69 -27.51 -1.16 12.43
C ILE A 69 -26.13 -1.24 13.09
N VAL A 70 -25.82 -2.44 13.57
CA VAL A 70 -24.49 -2.74 14.12
C VAL A 70 -23.89 -3.93 13.36
N ILE A 71 -22.80 -3.66 12.63
CA ILE A 71 -22.14 -4.62 11.73
C ILE A 71 -20.80 -5.11 12.29
N GLN A 72 -20.54 -6.40 12.16
CA GLN A 72 -19.30 -7.00 12.63
C GLN A 72 -18.11 -6.74 11.67
N PRO A 73 -16.85 -6.97 12.12
CA PRO A 73 -15.66 -6.66 11.29
C PRO A 73 -15.66 -7.20 9.87
N ALA A 74 -14.86 -6.54 9.03
CA ALA A 74 -14.63 -6.91 7.65
C ALA A 74 -13.13 -6.75 7.40
N PRO A 75 -12.59 -7.45 6.38
CA PRO A 75 -11.18 -7.29 6.02
C PRO A 75 -10.79 -5.82 5.90
N GLY A 76 -9.77 -5.46 6.68
CA GLY A 76 -9.28 -4.09 6.74
C GLY A 76 -10.07 -3.20 7.65
N HIS A 77 -11.13 -3.74 8.25
CA HIS A 77 -12.04 -2.97 9.11
C HIS A 77 -12.44 -3.73 10.39
N PRO A 78 -11.47 -3.90 11.29
CA PRO A 78 -11.61 -4.76 12.47
C PRO A 78 -12.55 -4.23 13.56
N HIS A 79 -13.05 -3.01 13.45
CA HIS A 79 -13.85 -2.40 14.52
C HIS A 79 -15.34 -2.40 14.23
N GLY A 80 -15.71 -3.05 13.12
CA GLY A 80 -17.09 -3.09 12.66
C GLY A 80 -17.64 -1.72 12.32
N HIS A 81 -18.93 -1.65 12.02
CA HIS A 81 -19.56 -0.43 11.57
C HIS A 81 -20.91 -0.26 12.26
N ALA A 83 -24.60 2.42 12.00
CA ALA A 83 -25.31 3.46 11.25
C ALA A 83 -26.80 3.57 11.58
N ILE A 84 -27.40 4.73 11.31
CA ILE A 84 -28.84 4.91 11.58
C ILE A 84 -29.61 5.30 10.31
N TYR A 85 -30.78 4.71 10.12
CA TYR A 85 -31.60 4.93 8.92
C TYR A 85 -32.41 6.24 9.01
N ASP A 86 -32.29 7.09 7.99
CA ASP A 86 -32.98 8.39 7.99
C ASP A 86 -34.32 8.37 7.22
N GLY A 87 -34.74 7.19 6.75
CA GLY A 87 -35.94 7.10 5.94
C GLY A 87 -35.66 6.55 4.55
N SER A 88 -34.43 6.75 4.07
CA SER A 88 -34.03 6.26 2.75
C SER A 88 -32.53 5.94 2.68
N HIS A 89 -31.75 6.62 3.51
CA HIS A 89 -30.30 6.49 3.52
C HIS A 89 -29.72 6.22 4.91
N TRP A 90 -28.94 5.15 5.02
CA TRP A 90 -28.21 4.88 6.25
C TRP A 90 -27.20 5.97 6.60
N ILE A 91 -27.11 6.34 7.86
CA ILE A 91 -26.23 7.43 8.26
C ILE A 91 -25.27 7.01 9.39
N SER A 92 -23.97 7.09 9.12
CA SER A 92 -22.95 6.94 10.15
C SER A 92 -22.28 8.31 10.38
N ASP A 93 -20.97 8.37 10.18
CA ASP A 93 -20.29 9.66 10.26
C ASP A 93 -20.40 10.34 8.89
N PHE A 94 -20.93 9.59 7.94
CA PHE A 94 -21.14 10.10 6.61
C PHE A 94 -22.46 9.53 6.08
N LYS A 95 -23.00 10.15 5.04
CA LYS A 95 -24.25 9.68 4.45
C LYS A 95 -23.97 8.57 3.45
N GLN A 96 -24.52 7.38 3.72
CA GLN A 96 -24.23 6.17 2.95
C GLN A 96 -25.21 5.95 1.78
N LEU A 97 -24.73 6.26 0.58
CA LEU A 97 -25.50 6.25 -0.66
C LEU A 97 -25.86 4.89 -1.24
N HIS A 98 -25.19 3.82 -0.81
CA HIS A 98 -25.30 2.55 -1.52
C HIS A 98 -25.98 1.46 -0.69
N GLY A 99 -25.92 1.61 0.62
CA GLY A 99 -26.56 0.68 1.53
C GLY A 99 -26.08 0.83 2.95
N PHE A 100 -26.36 -0.19 3.77
CA PHE A 100 -25.95 -0.14 5.17
C PHE A 100 -24.47 -0.49 5.30
N TYR A 101 -24.01 -1.44 4.49
CA TYR A 101 -22.59 -1.75 4.34
C TYR A 101 -21.85 -0.54 3.80
N PRO A 102 -20.89 -0.01 4.57
CA PRO A 102 -20.34 1.29 4.18
C PRO A 102 -19.25 1.26 3.08
N GLY A 103 -18.92 0.08 2.56
CA GLY A 103 -17.89 -0.03 1.55
C GLY A 103 -17.76 -1.42 0.98
N PRO A 104 -16.87 -1.60 -0.02
CA PRO A 104 -16.72 -2.87 -0.75
C PRO A 104 -16.05 -3.99 0.06
N ALA A 105 -15.19 -3.67 1.03
CA ALA A 105 -14.66 -4.68 1.94
C ALA A 105 -15.83 -5.40 2.61
N TYR A 106 -16.76 -4.60 3.13
CA TYR A 106 -17.97 -5.09 3.79
C TYR A 106 -18.92 -5.83 2.85
N ARG A 107 -19.23 -5.21 1.72
CA ARG A 107 -20.11 -5.81 0.71
C ARG A 107 -19.56 -7.15 0.22
N SER A 108 -18.24 -7.29 0.22
CA SER A 108 -17.63 -8.48 -0.33
C SER A 108 -17.55 -9.59 0.70
N ALA A 109 -17.14 -9.24 1.92
CA ALA A 109 -17.05 -10.26 2.97
C ALA A 109 -18.38 -10.51 3.72
N LYS A 110 -19.35 -9.61 3.55
CA LYS A 110 -20.70 -9.81 4.09
C LYS A 110 -20.75 -10.20 5.57
N PRO A 111 -20.18 -9.37 6.46
CA PRO A 111 -20.21 -9.73 7.88
C PRO A 111 -21.61 -9.60 8.52
N ALA A 112 -21.76 -10.15 9.73
CA ALA A 112 -23.07 -10.23 10.35
C ALA A 112 -23.52 -8.87 10.88
N TYR A 113 -24.82 -8.69 11.00
CA TYR A 113 -25.35 -7.43 11.51
C TYR A 113 -26.64 -7.62 12.30
N LYS A 114 -26.92 -6.69 13.20
CA LYS A 114 -28.23 -6.64 13.86
C LYS A 114 -28.81 -5.25 13.71
N THR A 115 -30.13 -5.15 13.64
CA THR A 115 -30.77 -3.84 13.65
C THR A 115 -31.57 -3.64 14.94
N TYR A 116 -31.67 -2.40 15.40
CA TYR A 116 -32.26 -2.11 16.71
C TYR A 116 -33.40 -1.06 16.66
N ARG A 117 -34.33 -1.12 17.61
CA ARG A 117 -35.51 -0.24 17.60
C ARG A 117 -36.07 0.05 19.01
N TYR A 118 -36.85 1.12 19.12
CA TYR A 118 -37.43 1.56 20.38
C TYR A 118 -38.92 1.84 20.21
N ASN B 29 -18.53 -6.81 -29.86
CA ASN B 29 -17.27 -7.54 -29.65
C ASN B 29 -16.06 -6.61 -29.46
N SER B 30 -16.34 -5.35 -29.19
CA SER B 30 -15.30 -4.34 -29.01
C SER B 30 -15.01 -4.19 -27.52
N PRO B 31 -13.79 -3.76 -27.17
CA PRO B 31 -13.48 -3.55 -25.76
C PRO B 31 -14.42 -2.55 -25.08
N GLU B 32 -14.92 -1.57 -25.82
CA GLU B 32 -15.82 -0.57 -25.25
C GLU B 32 -17.11 -1.24 -24.83
N ALA B 33 -17.52 -2.26 -25.60
CA ALA B 33 -18.75 -3.00 -25.30
C ALA B 33 -18.56 -3.99 -24.16
N ALA B 34 -17.40 -4.64 -24.13
CA ALA B 34 -17.05 -5.52 -23.03
C ALA B 34 -17.10 -4.70 -21.74
N ALA B 35 -16.65 -3.46 -21.86
CA ALA B 35 -16.52 -2.55 -20.74
C ALA B 35 -17.87 -2.05 -20.24
N ILE B 36 -18.73 -1.67 -21.17
CA ILE B 36 -20.03 -1.13 -20.83
C ILE B 36 -20.89 -2.24 -20.24
N SER B 37 -20.81 -3.43 -20.82
CA SER B 37 -21.62 -4.52 -20.34
C SER B 37 -21.11 -5.01 -18.98
N PHE B 38 -19.80 -5.10 -18.83
CA PHE B 38 -19.22 -5.41 -17.52
C PHE B 38 -19.67 -4.46 -16.43
N TYR B 39 -19.56 -3.14 -16.64
CA TYR B 39 -19.91 -2.26 -15.53
C TYR B 39 -21.40 -2.25 -15.25
N THR B 40 -22.19 -2.40 -16.30
CA THR B 40 -23.63 -2.56 -16.16
C THR B 40 -23.97 -3.76 -15.28
N TRP B 41 -23.34 -4.90 -15.52
CA TRP B 41 -23.56 -6.09 -14.71
C TRP B 41 -23.03 -5.88 -13.28
N PHE B 42 -21.87 -5.24 -13.18
CA PHE B 42 -21.20 -5.02 -11.92
C PHE B 42 -22.04 -4.20 -10.94
N ILE B 43 -22.65 -3.13 -11.43
CA ILE B 43 -23.38 -2.26 -10.52
C ILE B 43 -24.62 -2.98 -10.00
N GLN B 44 -25.19 -3.82 -10.85
CA GLN B 44 -26.41 -4.51 -10.50
C GLN B 44 -26.14 -5.71 -9.61
N HIS B 45 -24.87 -6.07 -9.45
CA HIS B 45 -24.49 -7.16 -8.57
C HIS B 45 -23.64 -6.68 -7.43
N ASP B 46 -23.77 -5.39 -7.13
CA ASP B 46 -23.06 -4.72 -6.05
C ASP B 46 -24.16 -4.11 -5.16
N SER B 47 -24.44 -4.77 -4.05
CA SER B 47 -25.52 -4.37 -3.14
C SER B 47 -25.21 -4.88 -1.73
N ASP B 48 -26.17 -4.77 -0.82
CA ASP B 48 -25.97 -5.25 0.54
C ASP B 48 -26.19 -6.77 0.62
N GLN B 49 -26.64 -7.38 -0.48
CA GLN B 49 -26.89 -8.81 -0.49
C GLN B 49 -25.84 -9.58 -1.31
N THR B 50 -25.39 -8.96 -2.40
CA THR B 50 -24.37 -9.58 -3.25
C THR B 50 -23.18 -8.63 -3.52
N TYR B 51 -22.07 -9.19 -4.04
CA TYR B 51 -20.88 -8.45 -4.47
C TYR B 51 -20.20 -9.16 -5.65
N PRO B 52 -19.85 -8.41 -6.73
CA PRO B 52 -19.57 -9.07 -8.01
C PRO B 52 -18.32 -9.95 -8.08
N LEU B 53 -17.44 -9.86 -7.08
CA LEU B 53 -16.22 -10.66 -7.13
C LEU B 53 -16.48 -12.04 -6.52
N SER B 54 -17.57 -12.12 -5.74
CA SER B 54 -18.02 -13.37 -5.17
C SER B 54 -18.71 -14.20 -6.28
N GLU B 55 -19.45 -13.51 -7.14
CA GLU B 55 -20.18 -14.13 -8.26
C GLU B 55 -19.28 -14.80 -9.27
N PRO B 56 -19.56 -16.08 -9.60
CA PRO B 56 -18.73 -16.81 -10.56
C PRO B 56 -18.75 -16.20 -11.95
N ASP B 57 -19.86 -15.53 -12.28
CA ASP B 57 -19.97 -14.79 -13.55
C ASP B 57 -18.85 -13.75 -13.77
N ILE B 58 -18.17 -13.38 -12.68
CA ILE B 58 -17.01 -12.51 -12.75
C ILE B 58 -16.01 -13.03 -13.79
N GLU B 59 -15.85 -14.35 -13.90
CA GLU B 59 -14.80 -14.90 -14.76
C GLU B 59 -15.10 -14.65 -16.23
N ARG B 60 -16.35 -14.30 -16.52
CA ARG B 60 -16.75 -14.02 -17.89
C ARG B 60 -16.13 -12.71 -18.37
N TYR B 61 -15.88 -11.81 -17.43
CA TYR B 61 -15.46 -10.45 -17.77
C TYR B 61 -14.00 -10.16 -17.43
N VAL B 62 -13.52 -10.77 -16.35
CA VAL B 62 -12.21 -10.45 -15.81
C VAL B 62 -11.26 -11.62 -15.98
N ALA B 63 -10.03 -11.36 -16.42
CA ALA B 63 -9.02 -12.41 -16.51
C ALA B 63 -8.89 -13.20 -15.20
N THR B 64 -8.71 -14.51 -15.30
CA THR B 64 -8.88 -15.35 -14.12
C THR B 64 -7.80 -15.14 -13.05
N ASP B 65 -6.57 -14.88 -13.47
CA ASP B 65 -5.50 -14.67 -12.51
C ASP B 65 -5.75 -13.38 -11.74
N THR B 66 -6.22 -12.38 -12.45
CA THR B 66 -6.63 -11.11 -11.85
C THR B 66 -7.72 -11.35 -10.78
N VAL B 67 -8.65 -12.24 -11.08
CA VAL B 67 -9.73 -12.56 -10.14
C VAL B 67 -9.19 -13.25 -8.90
N GLY B 68 -8.22 -14.14 -9.11
CA GLY B 68 -7.58 -14.81 -7.99
C GLY B 68 -6.89 -13.83 -7.08
N ARG B 69 -6.05 -12.98 -7.65
CA ARG B 69 -5.35 -11.95 -6.88
C ARG B 69 -6.31 -11.03 -6.12
N LEU B 70 -7.38 -10.61 -6.79
CA LEU B 70 -8.35 -9.69 -6.20
C LEU B 70 -9.07 -10.33 -5.00
N ARG B 71 -9.43 -11.59 -5.17
CA ARG B 71 -10.08 -12.36 -4.13
C ARG B 71 -9.16 -12.49 -2.93
N ASN B 72 -7.88 -12.65 -3.21
CA ASN B 72 -6.94 -12.69 -2.11
C ASN B 72 -6.80 -11.35 -1.40
N ASP B 73 -6.78 -10.26 -2.16
CA ASP B 73 -6.61 -8.95 -1.54
C ASP B 73 -7.81 -8.63 -0.65
N TYR B 74 -9.00 -8.82 -1.21
CA TYR B 74 -10.25 -8.58 -0.50
C TYR B 74 -10.35 -9.45 0.76
N ALA B 75 -9.85 -10.68 0.72
CA ALA B 75 -10.04 -11.55 1.86
C ALA B 75 -9.07 -11.30 3.01
N HIS B 76 -7.97 -10.62 2.71
CA HIS B 76 -6.95 -10.38 3.74
C HIS B 76 -6.84 -8.93 4.15
N ALA B 77 -6.02 -8.17 3.42
CA ALA B 77 -5.82 -6.75 3.69
C ALA B 77 -7.03 -5.87 3.38
N GLY B 78 -7.89 -6.35 2.49
CA GLY B 78 -8.99 -5.54 1.98
C GLY B 78 -8.69 -5.21 0.54
N PRO B 79 -9.64 -4.61 -0.16
CA PRO B 79 -9.41 -4.08 -1.51
C PRO B 79 -8.18 -3.18 -1.54
N PRO B 80 -7.41 -3.22 -2.64
CA PRO B 80 -6.26 -2.31 -2.71
C PRO B 80 -6.65 -0.82 -2.60
N ASN B 81 -5.94 -0.15 -1.71
CA ASN B 81 -6.07 1.30 -1.46
C ASN B 81 -7.31 1.75 -0.73
N GLY B 82 -8.08 0.81 -0.21
CA GLY B 82 -9.27 1.15 0.54
C GLY B 82 -10.52 1.22 -0.29
N VAL B 83 -10.37 1.37 -1.60
CA VAL B 83 -11.53 1.59 -2.46
C VAL B 83 -11.90 0.36 -3.25
N ASP B 84 -13.06 0.43 -3.91
CA ASP B 84 -13.49 -0.62 -4.80
C ASP B 84 -12.46 -0.73 -5.90
N TYR B 85 -12.00 -1.94 -6.19
CA TYR B 85 -10.98 -2.07 -7.22
C TYR B 85 -11.49 -1.67 -8.59
N PHE B 86 -12.77 -1.91 -8.85
CA PHE B 86 -13.31 -1.76 -10.20
C PHE B 86 -13.88 -0.38 -10.44
N LEU B 87 -14.37 0.24 -9.36
CA LEU B 87 -15.07 1.52 -9.42
C LEU B 87 -14.27 2.62 -8.76
N LYS B 88 -13.20 2.23 -8.08
CA LYS B 88 -12.27 3.17 -7.44
C LYS B 88 -12.90 4.14 -6.44
N VAL B 89 -14.02 3.76 -5.83
CA VAL B 89 -14.61 4.54 -4.72
C VAL B 89 -15.01 3.66 -3.51
N GLN B 90 -15.32 4.29 -2.38
CA GLN B 90 -15.92 3.52 -1.28
C GLN B 90 -17.42 3.45 -1.45
N ASP B 91 -18.01 4.57 -1.84
CA ASP B 91 -19.47 4.71 -1.81
C ASP B 91 -19.99 5.39 -3.07
N TYR B 92 -21.18 5.00 -3.52
CA TYR B 92 -21.81 5.68 -4.65
C TYR B 92 -23.32 5.41 -4.70
N ASP B 93 -24.03 6.24 -5.48
CA ASP B 93 -25.44 5.99 -5.75
C ASP B 93 -25.62 5.11 -6.98
N SER B 94 -26.14 3.90 -6.76
CA SER B 94 -26.31 2.89 -7.80
C SER B 94 -27.09 3.38 -8.99
N ARG B 95 -28.16 4.12 -8.73
CA ARG B 95 -29.08 4.49 -9.78
C ARG B 95 -28.51 5.60 -10.67
N ASP B 96 -27.81 6.55 -10.06
CA ASP B 96 -27.13 7.56 -10.86
C ASP B 96 -25.97 6.94 -11.62
N TRP B 97 -25.13 6.16 -10.94
CA TRP B 97 -23.98 5.55 -11.59
C TRP B 97 -24.37 4.63 -12.75
N LEU B 98 -25.44 3.89 -12.59
CA LEU B 98 -25.95 2.99 -13.63
C LEU B 98 -26.47 3.74 -14.85
N ALA B 99 -26.97 4.95 -14.62
CA ALA B 99 -27.57 5.77 -15.68
C ALA B 99 -26.54 6.67 -16.35
N HIS B 100 -25.28 6.56 -15.94
CA HIS B 100 -24.24 7.44 -16.46
C HIS B 100 -22.86 6.80 -16.57
N ILE B 101 -22.82 5.61 -17.16
CA ILE B 101 -21.53 5.03 -17.53
C ILE B 101 -21.12 5.55 -18.89
N GLN B 102 -20.28 6.57 -18.89
CA GLN B 102 -19.77 7.16 -20.12
C GLN B 102 -18.43 6.53 -20.50
N VAL B 103 -18.34 6.06 -21.73
CA VAL B 103 -17.18 5.33 -22.24
C VAL B 103 -16.59 6.14 -23.39
N GLN B 104 -15.27 6.17 -23.51
CA GLN B 104 -14.60 6.76 -24.67
C GLN B 104 -13.96 5.62 -25.47
N ARG B 105 -13.69 5.85 -26.76
CA ARG B 105 -13.01 4.88 -27.61
C ARG B 105 -11.70 4.39 -26.98
N ALA B 106 -11.33 3.15 -27.26
CA ALA B 106 -10.13 2.55 -26.67
C ALA B 106 -8.85 3.15 -27.23
N LEU B 107 -7.88 3.35 -26.33
CA LEU B 107 -6.50 3.55 -26.73
C LEU B 107 -5.92 2.17 -26.91
N LEU B 109 -2.88 0.08 -26.95
CA LEU B 109 -1.46 0.04 -26.59
C LEU B 109 -0.87 -1.33 -26.86
N GLY B 110 -0.44 -1.55 -28.09
CA GLY B 110 -0.07 -2.88 -28.51
C GLY B 110 -1.35 -3.67 -28.59
N ASP B 111 -1.39 -4.80 -27.91
CA ASP B 111 -2.56 -5.66 -27.94
C ASP B 111 -3.41 -5.49 -26.68
N VAL B 112 -3.09 -4.47 -25.88
CA VAL B 112 -3.90 -4.16 -24.72
C VAL B 112 -4.79 -2.98 -25.06
N ALA B 113 -6.10 -3.19 -24.92
CA ALA B 113 -7.09 -2.13 -25.08
C ALA B 113 -7.23 -1.42 -23.74
N VAL B 114 -7.06 -0.09 -23.75
CA VAL B 114 -7.29 0.72 -22.57
C VAL B 114 -8.49 1.62 -22.80
N VAL B 115 -9.56 1.34 -22.06
CA VAL B 115 -10.82 2.02 -22.25
C VAL B 115 -11.03 2.99 -21.10
N PRO B 116 -11.09 4.30 -21.41
CA PRO B 116 -11.44 5.27 -20.36
C PRO B 116 -12.93 5.17 -20.05
N VAL B 117 -13.29 5.13 -18.77
CA VAL B 117 -14.70 5.15 -18.35
C VAL B 117 -14.92 6.22 -17.28
N SER B 118 -16.09 6.87 -17.31
CA SER B 118 -16.50 7.88 -16.33
C SER B 118 -17.89 7.57 -15.78
N PHE B 119 -18.03 7.62 -14.46
CA PHE B 119 -19.26 7.22 -13.82
C PHE B 119 -19.88 8.43 -13.16
N GLY B 120 -21.21 8.51 -13.19
CA GLY B 120 -21.93 9.61 -12.56
C GLY B 120 -22.22 10.83 -13.45
N SER B 121 -23.21 11.60 -13.05
CA SER B 121 -23.63 12.78 -13.80
C SER B 121 -22.96 14.05 -13.26
N GLN B 122 -22.67 14.04 -11.97
CA GLN B 122 -22.13 15.22 -11.31
C GLN B 122 -20.76 14.92 -10.73
N ASP B 123 -19.74 15.60 -11.25
CA ASP B 123 -18.36 15.42 -10.80
C ASP B 123 -17.92 13.96 -10.92
N PRO B 124 -17.86 13.44 -12.16
CA PRO B 124 -17.75 12.00 -12.41
C PRO B 124 -16.41 11.42 -11.97
N VAL B 125 -16.40 10.13 -11.65
CA VAL B 125 -15.16 9.43 -11.34
C VAL B 125 -14.63 8.72 -12.59
N HIS B 126 -13.32 8.81 -12.81
CA HIS B 126 -12.66 8.29 -14.02
C HIS B 126 -11.77 7.07 -13.74
N VAL B 127 -11.93 6.02 -14.55
CA VAL B 127 -11.06 4.84 -14.49
C VAL B 127 -10.48 4.48 -15.87
N LEU B 128 -9.41 3.69 -15.84
CA LEU B 128 -8.84 3.09 -17.06
C LEU B 128 -8.90 1.56 -17.03
N VAL B 129 -9.68 0.99 -17.95
CA VAL B 129 -9.85 -0.45 -18.03
C VAL B 129 -8.86 -1.04 -19.02
N PHE B 130 -8.08 -2.01 -18.57
CA PHE B 130 -7.14 -2.75 -19.39
C PHE B 130 -7.72 -4.12 -19.70
N LEU B 131 -8.00 -4.31 -20.99
CA LEU B 131 -8.56 -5.53 -21.54
C LEU B 131 -7.62 -6.19 -22.55
N LYS B 132 -7.61 -7.52 -22.55
CA LYS B 132 -6.79 -8.30 -23.48
C LYS B 132 -7.71 -9.33 -24.08
N ARG B 133 -7.36 -9.83 -25.27
CA ARG B 133 -8.16 -10.89 -25.91
C ARG B 133 -7.75 -12.29 -25.46
N VAL B 134 -8.66 -12.98 -24.80
CA VAL B 134 -8.38 -14.29 -24.21
C VAL B 134 -8.68 -15.42 -25.19
N ASP B 135 -9.81 -15.31 -25.87
CA ASP B 135 -10.22 -16.22 -26.94
C ASP B 135 -11.29 -15.49 -27.74
N ALA B 136 -10.85 -14.56 -28.60
CA ALA B 136 -11.76 -13.67 -29.34
C ALA B 136 -12.72 -12.86 -28.45
N THR B 137 -12.51 -12.97 -27.13
CA THR B 137 -13.27 -12.23 -26.12
C THR B 137 -12.35 -11.31 -25.32
N TRP B 138 -12.85 -10.12 -24.97
CA TRP B 138 -12.10 -9.12 -24.19
C TRP B 138 -12.19 -9.32 -22.68
N LYS B 139 -11.09 -9.68 -22.05
CA LYS B 139 -11.12 -9.88 -20.60
C LYS B 139 -10.34 -8.78 -19.90
N ILE B 140 -10.89 -8.31 -18.79
CA ILE B 140 -10.26 -7.26 -18.02
C ILE B 140 -9.03 -7.79 -17.28
N ILE B 141 -7.89 -7.17 -17.57
CA ILE B 141 -6.63 -7.54 -16.94
C ILE B 141 -6.19 -6.52 -15.90
N LYS B 142 -6.74 -5.31 -15.96
CA LYS B 142 -6.36 -4.33 -14.92
C LYS B 142 -7.31 -3.17 -14.90
N ILE B 143 -7.46 -2.54 -13.75
CA ILE B 143 -8.21 -1.30 -13.68
C ILE B 143 -7.44 -0.24 -12.91
N ASP B 144 -7.25 0.92 -13.52
CA ASP B 144 -6.49 1.95 -12.86
C ASP B 144 -7.29 3.23 -12.52
N ASP B 145 -6.88 3.90 -11.45
CA ASP B 145 -7.47 5.18 -11.07
C ASP B 145 -6.62 6.29 -11.67
N THR B 146 -6.98 7.54 -11.43
CA THR B 146 -6.22 8.65 -11.99
C THR B 146 -5.44 9.36 -10.91
N TRP B 147 -5.35 8.75 -9.72
CA TRP B 147 -4.63 9.35 -8.61
C TRP B 147 -3.13 9.33 -8.88
N GLU B 148 -2.43 10.27 -8.24
CA GLU B 148 -0.98 10.31 -8.22
C GLU B 148 -0.35 9.02 -7.67
N TYR B 149 0.85 8.70 -8.14
CA TYR B 149 1.67 7.63 -7.59
C TYR B 149 1.74 7.71 -6.07
N ARG B 150 1.61 6.56 -5.41
CA ARG B 150 1.54 6.48 -3.94
C ARG B 150 2.47 5.43 -3.36
N SER C 30 10.72 20.05 22.87
CA SER C 30 10.67 18.58 23.06
C SER C 30 9.45 17.89 22.42
N PRO C 31 9.60 16.60 22.02
CA PRO C 31 8.51 15.85 21.40
C PRO C 31 7.30 15.64 22.32
N GLU C 32 7.54 15.35 23.60
CA GLU C 32 6.46 15.16 24.54
C GLU C 32 5.54 16.39 24.51
N ALA C 33 6.17 17.55 24.58
CA ALA C 33 5.47 18.84 24.51
C ALA C 33 4.55 18.90 23.29
N ALA C 34 5.15 18.78 22.11
CA ALA C 34 4.39 18.80 20.86
C ALA C 34 3.20 17.83 20.85
N ALA C 35 3.45 16.60 21.32
CA ALA C 35 2.42 15.55 21.37
C ALA C 35 1.20 15.96 22.18
N ILE C 36 1.46 16.41 23.41
CA ILE C 36 0.38 16.86 24.27
C ILE C 36 -0.34 18.12 23.74
N SER C 37 0.43 19.11 23.31
CA SER C 37 -0.13 20.31 22.68
C SER C 37 -1.16 19.88 21.64
N PHE C 38 -0.66 19.15 20.64
CA PHE C 38 -1.51 18.65 19.58
C PHE C 38 -2.76 17.90 20.04
N TYR C 39 -2.62 16.99 21.00
CA TYR C 39 -3.81 16.22 21.39
C TYR C 39 -4.82 17.03 22.15
N THR C 40 -4.31 17.97 22.95
CA THR C 40 -5.20 18.85 23.69
C THR C 40 -5.98 19.68 22.68
N TRP C 41 -5.25 20.27 21.74
CA TRP C 41 -5.86 21.02 20.64
C TRP C 41 -6.91 20.22 19.88
N PHE C 42 -6.59 18.95 19.63
CA PHE C 42 -7.37 18.10 18.74
C PHE C 42 -8.67 17.63 19.39
N ILE C 43 -8.61 17.30 20.68
CA ILE C 43 -9.79 16.82 21.38
C ILE C 43 -10.66 18.00 21.78
N GLN C 44 -10.03 19.14 22.04
CA GLN C 44 -10.76 20.36 22.33
C GLN C 44 -11.56 20.86 21.13
N HIS C 45 -11.16 20.42 19.93
CA HIS C 45 -11.91 20.75 18.70
C HIS C 45 -12.89 19.65 18.32
N ASP C 46 -13.09 18.66 19.19
CA ASP C 46 -14.06 17.59 18.91
C ASP C 46 -15.46 18.14 18.70
N SER C 47 -15.79 19.15 19.50
CA SER C 47 -17.11 19.78 19.50
C SER C 47 -17.48 20.48 18.19
N ASP C 48 -16.52 21.16 17.55
CA ASP C 48 -16.88 22.00 16.41
C ASP C 48 -17.30 21.24 15.14
N GLN C 49 -17.65 21.98 14.09
CA GLN C 49 -18.29 21.39 12.92
C GLN C 49 -17.27 20.97 11.87
N THR C 50 -16.14 21.66 11.87
CA THR C 50 -15.03 21.34 10.99
C THR C 50 -14.18 20.29 11.68
N TYR C 51 -14.14 19.08 11.11
CA TYR C 51 -13.23 18.04 11.57
C TYR C 51 -11.78 18.54 11.57
N PRO C 52 -11.06 18.28 12.67
CA PRO C 52 -9.76 18.93 12.93
C PRO C 52 -8.73 18.82 11.80
N LEU C 53 -8.88 17.81 10.94
CA LEU C 53 -7.92 17.55 9.86
C LEU C 53 -8.11 18.52 8.68
N SER C 54 -9.36 18.96 8.48
CA SER C 54 -9.69 20.00 7.49
C SER C 54 -9.26 21.40 7.93
N GLU C 55 -8.83 21.53 9.18
CA GLU C 55 -8.53 22.82 9.78
C GLU C 55 -7.03 23.10 9.80
N PRO C 56 -6.63 24.21 9.18
CA PRO C 56 -5.22 24.52 8.91
C PRO C 56 -4.31 24.54 10.14
N ASP C 57 -4.86 24.74 11.33
CA ASP C 57 -4.03 24.81 12.54
C ASP C 57 -3.36 23.47 12.86
N ILE C 58 -3.88 22.39 12.27
CA ILE C 58 -3.29 21.08 12.41
C ILE C 58 -1.87 21.07 11.84
N GLU C 59 -1.58 22.07 11.01
CA GLU C 59 -0.24 22.23 10.44
C GLU C 59 0.80 22.64 11.48
N ARG C 60 0.35 23.16 12.61
CA ARG C 60 1.24 23.50 13.70
C ARG C 60 1.79 22.21 14.30
N TYR C 61 1.00 21.14 14.15
CA TYR C 61 1.23 19.88 14.84
C TYR C 61 1.73 18.72 13.97
N VAL C 62 1.05 18.49 12.84
CA VAL C 62 1.36 17.37 11.94
C VAL C 62 2.16 17.86 10.73
N ALA C 63 3.12 17.06 10.28
CA ALA C 63 3.93 17.43 9.13
C ALA C 63 3.08 17.62 7.88
N THR C 64 3.56 18.50 7.00
CA THR C 64 2.81 18.93 5.82
C THR C 64 2.44 17.77 4.92
N ASP C 65 3.44 17.05 4.44
CA ASP C 65 3.27 15.85 3.61
C ASP C 65 2.24 14.92 4.24
N THR C 66 2.49 14.58 5.50
CA THR C 66 1.61 13.74 6.29
C THR C 66 0.15 14.21 6.28
N VAL C 67 -0.07 15.47 6.62
CA VAL C 67 -1.41 16.01 6.59
C VAL C 67 -2.02 15.87 5.22
N GLY C 68 -1.20 16.13 4.19
CA GLY C 68 -1.66 16.07 2.82
C GLY C 68 -2.17 14.70 2.45
N ARG C 69 -1.36 13.69 2.78
CA ARG C 69 -1.69 12.30 2.52
C ARG C 69 -2.93 11.90 3.28
N LEU C 70 -3.06 12.33 4.53
CA LEU C 70 -4.20 11.95 5.35
C LEU C 70 -5.49 12.57 4.84
N ARG C 71 -5.44 13.82 4.40
CA ARG C 71 -6.60 14.46 3.81
C ARG C 71 -7.02 13.72 2.55
N ASN C 72 -6.04 13.42 1.71
CA ASN C 72 -6.32 12.66 0.50
C ASN C 72 -7.00 11.29 0.80
N ASP C 73 -6.46 10.57 1.79
CA ASP C 73 -6.95 9.24 2.11
C ASP C 73 -8.32 9.24 2.78
N TYR C 74 -8.55 10.12 3.74
CA TYR C 74 -9.88 10.20 4.36
C TYR C 74 -10.88 10.52 3.27
N ALA C 75 -10.48 11.41 2.34
CA ALA C 75 -11.32 11.71 1.17
C ALA C 75 -11.65 10.47 0.29
N HIS C 76 -10.69 9.58 0.06
CA HIS C 76 -10.95 8.46 -0.84
C HIS C 76 -11.63 7.27 -0.18
N ALA C 77 -11.03 6.82 0.92
CA ALA C 77 -11.35 5.52 1.47
C ALA C 77 -11.76 5.61 2.94
N GLY C 78 -11.81 6.82 3.48
CA GLY C 78 -11.88 6.93 4.92
C GLY C 78 -10.51 6.57 5.50
N PRO C 79 -10.32 6.81 6.81
CA PRO C 79 -9.02 6.56 7.41
C PRO C 79 -8.70 5.06 7.47
N PRO C 80 -7.41 4.71 7.60
CA PRO C 80 -7.01 3.31 7.68
C PRO C 80 -7.74 2.55 8.79
N ASN C 81 -8.10 1.30 8.52
CA ASN C 81 -8.79 0.45 9.49
C ASN C 81 -10.19 0.94 9.87
N GLY C 82 -10.66 2.00 9.21
CA GLY C 82 -11.99 2.53 9.46
C GLY C 82 -12.15 3.07 10.88
N VAL C 83 -11.10 3.69 11.39
CA VAL C 83 -11.07 4.21 12.74
C VAL C 83 -10.41 5.60 12.66
N ASP C 84 -10.67 6.49 13.62
CA ASP C 84 -9.98 7.79 13.65
C ASP C 84 -8.47 7.57 13.70
N TYR C 85 -7.74 8.29 12.85
CA TYR C 85 -6.32 8.03 12.68
C TYR C 85 -5.50 8.47 13.89
N PHE C 86 -6.00 9.47 14.60
CA PHE C 86 -5.24 10.09 15.69
C PHE C 86 -5.59 9.47 17.03
N LEU C 87 -6.88 9.17 17.22
CA LEU C 87 -7.39 8.63 18.47
C LEU C 87 -7.44 7.11 18.48
N LYS C 88 -7.53 6.50 17.29
CA LYS C 88 -7.58 5.04 17.13
C LYS C 88 -8.82 4.37 17.74
N VAL C 89 -9.87 5.16 17.94
CA VAL C 89 -11.16 4.65 18.41
C VAL C 89 -12.26 5.15 17.51
N GLN C 90 -13.42 4.50 17.52
CA GLN C 90 -14.54 5.00 16.71
C GLN C 90 -15.43 5.89 17.55
N ASP C 91 -15.26 5.79 18.87
CA ASP C 91 -16.00 6.60 19.83
C ASP C 91 -15.20 6.71 21.12
N TYR C 92 -15.50 7.73 21.92
CA TYR C 92 -14.76 7.96 23.17
C TYR C 92 -15.36 9.06 24.04
N ASP C 93 -15.07 8.96 25.33
CA ASP C 93 -15.39 10.00 26.29
C ASP C 93 -14.40 11.16 26.15
N SER C 94 -14.81 12.19 25.43
CA SER C 94 -13.93 13.34 25.20
C SER C 94 -13.44 13.95 26.51
N ARG C 95 -14.35 14.03 27.49
CA ARG C 95 -14.05 14.61 28.81
C ARG C 95 -12.98 13.82 29.55
N ASP C 96 -13.22 12.52 29.69
CA ASP C 96 -12.30 11.61 30.37
C ASP C 96 -10.92 11.56 29.72
N TRP C 97 -10.90 11.60 28.40
CA TRP C 97 -9.64 11.53 27.67
C TRP C 97 -8.86 12.83 27.82
N LEU C 98 -9.57 13.95 27.69
CA LEU C 98 -8.91 15.24 27.75
C LEU C 98 -8.25 15.49 29.13
N ALA C 99 -8.80 14.88 30.18
CA ALA C 99 -8.28 15.08 31.53
C ALA C 99 -7.23 14.03 31.90
N HIS C 100 -7.06 13.04 31.04
CA HIS C 100 -6.13 11.93 31.30
C HIS C 100 -5.28 11.57 30.08
N ILE C 101 -4.70 12.61 29.48
CA ILE C 101 -3.62 12.47 28.53
C ILE C 101 -2.36 12.23 29.34
N GLN C 102 -1.72 11.09 29.14
CA GLN C 102 -0.46 10.81 29.83
C GLN C 102 0.58 10.37 28.83
N VAL C 103 1.83 10.70 29.15
CA VAL C 103 2.92 10.61 28.20
C VAL C 103 4.13 10.05 28.94
N GLN C 104 5.00 9.36 28.21
CA GLN C 104 6.24 8.85 28.79
C GLN C 104 7.40 9.47 28.03
N ARG C 105 8.62 9.19 28.46
CA ARG C 105 9.80 9.74 27.79
C ARG C 105 9.87 9.21 26.36
N ALA C 106 10.01 10.12 25.40
CA ALA C 106 10.18 9.75 23.99
C ALA C 106 11.35 8.77 23.77
N LEU C 107 11.12 7.78 22.91
CA LEU C 107 12.20 6.89 22.50
C LEU C 107 12.82 7.62 21.35
N LEU C 109 14.77 7.14 18.06
CA LEU C 109 15.22 6.23 17.02
C LEU C 109 15.83 7.03 15.87
N GLY C 110 17.16 7.15 15.90
CA GLY C 110 17.87 8.01 14.98
C GLY C 110 17.33 9.42 15.13
N ASP C 111 16.88 10.01 14.02
CA ASP C 111 16.36 11.35 14.07
C ASP C 111 14.83 11.38 14.27
N VAL C 112 14.26 10.27 14.69
CA VAL C 112 12.81 10.20 14.93
C VAL C 112 12.47 9.99 16.41
N ALA C 113 11.48 10.73 16.88
CA ALA C 113 11.03 10.59 18.26
C ALA C 113 9.69 9.86 18.33
N VAL C 114 9.68 8.78 19.10
CA VAL C 114 8.46 8.03 19.34
C VAL C 114 7.94 8.25 20.76
N VAL C 115 6.82 8.96 20.86
CA VAL C 115 6.25 9.30 22.14
C VAL C 115 5.06 8.41 22.38
N PRO C 116 5.07 7.67 23.50
CA PRO C 116 3.92 6.87 23.92
C PRO C 116 2.90 7.75 24.62
N VAL C 117 1.62 7.58 24.25
CA VAL C 117 0.56 8.36 24.86
C VAL C 117 -0.59 7.43 25.27
N SER C 118 -1.13 7.64 26.47
CA SER C 118 -2.30 6.91 26.95
C SER C 118 -3.44 7.87 27.20
N PHE C 119 -4.62 7.52 26.71
CA PHE C 119 -5.77 8.37 26.92
C PHE C 119 -6.75 7.65 27.81
N GLY C 120 -7.49 8.40 28.60
CA GLY C 120 -8.51 7.80 29.44
C GLY C 120 -7.99 7.40 30.80
N SER C 121 -8.93 7.19 31.72
CA SER C 121 -8.63 6.78 33.08
C SER C 121 -9.26 5.42 33.35
N GLN C 122 -9.94 4.88 32.33
CA GLN C 122 -10.55 3.56 32.41
C GLN C 122 -10.23 2.79 31.14
N ASP C 123 -9.43 1.72 31.28
CA ASP C 123 -8.86 1.01 30.14
C ASP C 123 -8.29 1.99 29.11
N PRO C 124 -7.12 2.57 29.42
CA PRO C 124 -6.55 3.58 28.54
C PRO C 124 -6.26 3.04 27.14
N VAL C 125 -6.44 3.87 26.12
CA VAL C 125 -5.99 3.56 24.78
C VAL C 125 -4.57 4.09 24.65
N HIS C 126 -3.70 3.33 23.99
CA HIS C 126 -2.33 3.78 23.82
C HIS C 126 -2.03 3.97 22.34
N VAL C 127 -1.40 5.10 22.02
CA VAL C 127 -0.87 5.31 20.69
C VAL C 127 0.60 5.62 20.79
N LEU C 128 1.34 5.30 19.73
CA LEU C 128 2.70 5.80 19.56
C LEU C 128 2.65 6.91 18.51
N VAL C 129 3.23 8.06 18.87
CA VAL C 129 3.26 9.21 17.99
C VAL C 129 4.67 9.36 17.51
N PHE C 130 4.83 9.47 16.19
CA PHE C 130 6.13 9.62 15.56
C PHE C 130 6.29 11.09 15.18
N LEU C 131 7.45 11.65 15.49
CA LEU C 131 7.74 13.06 15.18
C LEU C 131 9.16 13.26 14.70
N LYS C 132 9.35 14.28 13.87
CA LYS C 132 10.67 14.70 13.40
C LYS C 132 10.82 16.22 13.59
N ARG C 133 12.07 16.69 13.71
CA ARG C 133 12.37 18.12 13.95
C ARG C 133 12.26 18.95 12.67
N VAL C 134 11.25 19.82 12.60
CA VAL C 134 11.16 20.80 11.52
C VAL C 134 11.16 22.24 12.04
N THR C 137 11.05 23.19 15.45
CA THR C 137 9.77 22.56 15.79
C THR C 137 9.77 21.02 15.64
N TRP C 138 9.11 20.31 16.58
CA TRP C 138 8.76 18.89 16.38
C TRP C 138 7.41 18.78 15.68
N LYS C 139 7.33 17.94 14.64
CA LYS C 139 6.05 17.67 13.97
C LYS C 139 5.72 16.19 13.75
N ILE C 140 4.42 15.86 13.79
CA ILE C 140 3.96 14.47 13.68
C ILE C 140 3.92 13.88 12.27
N ILE C 141 4.74 12.85 12.04
CA ILE C 141 4.83 12.21 10.73
C ILE C 141 3.97 10.95 10.63
N LYS C 142 3.56 10.39 11.77
CA LYS C 142 2.84 9.13 11.80
C LYS C 142 2.31 8.86 13.20
N ILE C 143 1.21 8.13 13.32
CA ILE C 143 0.71 7.62 14.60
C ILE C 143 0.23 6.16 14.46
N ASP C 144 0.63 5.28 15.38
CA ASP C 144 0.26 3.86 15.32
C ASP C 144 -0.44 3.33 16.59
N ASP C 145 -1.30 2.33 16.39
CA ASP C 145 -2.02 1.65 17.47
C ASP C 145 -1.16 0.53 18.09
N THR C 146 -1.65 -0.15 19.13
CA THR C 146 -0.94 -1.30 19.70
C THR C 146 -1.54 -2.64 19.26
N TRP C 147 -2.37 -2.63 18.23
CA TRP C 147 -3.05 -3.84 17.74
C TRP C 147 -2.12 -4.79 16.99
N GLU C 148 -2.43 -6.09 17.05
CA GLU C 148 -1.66 -7.11 16.37
C GLU C 148 -1.78 -7.00 14.85
N TYR C 149 -0.71 -7.35 14.14
CA TYR C 149 -0.75 -7.34 12.68
C TYR C 149 -1.29 -8.66 12.19
N ARG C 150 -2.47 -8.63 11.58
CA ARG C 150 -3.05 -9.84 11.01
C ARG C 150 -4.10 -9.57 9.96
N GLY D 4 35.73 -11.18 -18.93
CA GLY D 4 35.41 -12.29 -18.04
C GLY D 4 35.54 -11.97 -16.56
N ILE D 5 36.76 -11.67 -16.13
CA ILE D 5 37.02 -11.27 -14.76
C ILE D 5 36.79 -9.78 -14.78
N SER D 6 37.20 -9.21 -15.91
CA SER D 6 37.07 -7.79 -16.19
C SER D 6 35.60 -7.40 -16.22
N ALA D 7 34.76 -8.36 -16.62
CA ALA D 7 33.31 -8.21 -16.63
C ALA D 7 32.75 -8.04 -15.21
N ALA D 8 33.15 -8.95 -14.32
CA ALA D 8 32.85 -8.86 -12.89
C ALA D 8 33.34 -7.52 -12.29
N ASN D 9 34.51 -7.08 -12.73
CA ASN D 9 35.10 -5.81 -12.28
C ASN D 9 34.33 -4.56 -12.74
N TYR D 10 33.89 -4.62 -13.99
CA TYR D 10 33.09 -3.56 -14.58
C TYR D 10 31.79 -3.44 -13.82
N ALA D 11 31.17 -4.59 -13.56
CA ALA D 11 29.94 -4.64 -12.78
C ALA D 11 30.12 -4.03 -11.38
N ALA D 12 31.12 -4.52 -10.65
CA ALA D 12 31.41 -3.99 -9.32
C ALA D 12 31.69 -2.48 -9.28
N SER D 13 32.30 -1.93 -10.32
CA SER D 13 32.61 -0.50 -10.26
C SER D 13 31.43 0.38 -10.64
N ASN D 14 30.54 -0.16 -11.46
CA ASN D 14 29.46 0.64 -12.03
C ASN D 14 28.09 0.50 -11.37
N ILE D 15 28.08 0.14 -10.09
CA ILE D 15 26.85 -0.10 -9.35
C ILE D 15 26.11 1.19 -8.97
N GLU D 16 24.88 1.03 -8.49
CA GLU D 16 24.13 2.14 -7.89
C GLU D 16 24.07 1.93 -6.38
N PRO D 17 23.71 2.98 -5.62
CA PRO D 17 23.52 2.86 -4.17
C PRO D 17 22.49 1.78 -3.81
N ASN D 18 21.49 1.62 -4.68
CA ASN D 18 20.39 0.68 -4.49
C ASN D 18 19.94 0.12 -5.85
N SER D 19 18.97 -0.79 -5.85
CA SER D 19 18.37 -1.20 -7.11
C SER D 19 17.68 -0.02 -7.83
N VAL D 20 17.69 -0.01 -9.16
CA VAL D 20 16.95 0.99 -9.93
C VAL D 20 16.16 0.29 -11.04
N GLY D 21 16.05 -1.04 -10.87
CA GLY D 21 15.22 -1.91 -11.69
C GLY D 21 15.82 -2.28 -13.03
N ARG D 22 17.14 -2.40 -13.08
CA ARG D 22 17.85 -2.58 -14.34
C ARG D 22 18.94 -3.60 -14.20
N CYS D 23 18.70 -4.63 -13.40
CA CYS D 23 19.74 -5.62 -13.14
C CYS D 23 20.28 -6.18 -14.45
N ALA D 24 19.39 -6.34 -15.41
CA ALA D 24 19.73 -6.98 -16.68
C ALA D 24 20.60 -6.07 -17.56
N GLU D 25 20.24 -4.79 -17.70
CA GLU D 25 21.08 -3.84 -18.43
C GLU D 25 22.49 -3.73 -17.81
N TYR D 26 22.56 -3.63 -16.49
CA TYR D 26 23.86 -3.54 -15.80
C TYR D 26 24.76 -4.78 -15.96
N VAL D 27 24.16 -5.97 -15.79
CA VAL D 27 24.91 -7.20 -15.98
C VAL D 27 25.31 -7.39 -17.46
N ARG D 28 24.40 -7.07 -18.38
CA ARG D 28 24.70 -7.15 -19.81
C ARG D 28 25.81 -6.18 -20.25
N LYS D 29 25.75 -4.92 -19.82
CA LYS D 29 26.75 -3.96 -20.21
C LYS D 29 28.08 -4.39 -19.62
N ALA D 30 28.02 -5.02 -18.45
CA ALA D 30 29.24 -5.59 -17.87
C ALA D 30 29.87 -6.64 -18.78
N ILE D 31 29.08 -7.64 -19.14
CA ILE D 31 29.52 -8.72 -20.04
C ILE D 31 30.04 -8.17 -21.40
N GLU D 32 29.43 -7.10 -21.87
CA GLU D 32 29.86 -6.48 -23.12
C GLU D 32 31.18 -5.72 -22.95
N TRP D 33 31.44 -5.23 -21.74
CA TRP D 33 32.78 -4.71 -21.45
C TRP D 33 33.77 -5.87 -21.36
N GLY D 34 33.26 -7.05 -21.02
CA GLY D 34 34.10 -8.23 -20.86
C GLY D 34 34.48 -8.91 -22.15
N GLY D 35 33.79 -8.52 -23.23
CA GLY D 35 34.04 -9.07 -24.55
C GLY D 35 32.81 -9.46 -25.35
N ILE D 36 31.81 -10.03 -24.69
CA ILE D 36 30.64 -10.58 -25.38
C ILE D 36 29.38 -9.68 -25.37
N SER D 37 28.86 -9.39 -26.56
CA SER D 37 27.61 -8.64 -26.68
C SER D 37 26.41 -9.56 -26.89
N LEU D 38 25.70 -9.87 -25.81
CA LEU D 38 24.57 -10.79 -25.85
C LEU D 38 23.41 -10.15 -26.59
N GLN D 39 22.54 -10.98 -27.16
CA GLN D 39 21.32 -10.48 -27.78
C GLN D 39 20.44 -9.89 -26.69
N ARG D 40 20.30 -8.56 -26.66
CA ARG D 40 19.50 -7.87 -25.65
C ARG D 40 18.15 -8.57 -25.44
N THR D 41 17.65 -8.60 -24.20
CA THR D 41 16.27 -9.00 -23.93
C THR D 41 15.74 -8.31 -22.67
N ARG D 42 14.44 -7.99 -22.68
CA ARG D 42 13.84 -7.15 -21.64
C ARG D 42 13.92 -7.68 -20.21
N SER D 43 13.63 -8.96 -20.01
CA SER D 43 13.55 -9.52 -18.67
C SER D 43 14.74 -10.42 -18.31
N ALA D 44 15.46 -10.03 -17.27
CA ALA D 44 16.41 -10.88 -16.57
C ALA D 44 16.06 -12.40 -16.56
N LYS D 45 14.81 -12.76 -16.23
CA LYS D 45 14.39 -14.17 -16.21
C LYS D 45 14.53 -14.92 -17.56
N ASP D 46 14.77 -14.17 -18.64
CA ASP D 46 14.78 -14.71 -20.02
C ASP D 46 16.17 -14.85 -20.64
N TYR D 47 17.22 -14.65 -19.86
CA TYR D 47 18.55 -14.40 -20.42
C TYR D 47 19.42 -15.65 -20.59
N GLY D 48 18.90 -16.80 -20.17
CA GLY D 48 19.56 -18.08 -20.35
C GLY D 48 19.78 -18.51 -21.80
N PRO D 49 18.70 -18.51 -22.61
CA PRO D 49 18.83 -18.72 -24.07
C PRO D 49 19.74 -17.71 -24.78
N SER D 50 19.96 -16.51 -24.22
CA SER D 50 20.89 -15.56 -24.82
C SER D 50 22.34 -15.83 -24.42
N LEU D 51 22.56 -16.29 -23.19
CA LEU D 51 23.92 -16.58 -22.72
C LEU D 51 24.43 -17.86 -23.36
N LEU D 52 23.59 -18.89 -23.40
CA LEU D 52 23.92 -20.11 -24.11
C LEU D 52 24.22 -19.83 -25.58
N ALA D 53 23.42 -18.95 -26.20
CA ALA D 53 23.74 -18.38 -27.52
C ALA D 53 24.83 -17.31 -27.39
N ALA D 54 25.94 -17.74 -26.80
CA ALA D 54 27.19 -17.00 -26.70
C ALA D 54 28.13 -18.01 -26.04
N GLY D 55 29.23 -17.55 -25.49
CA GLY D 55 30.20 -18.49 -24.92
C GLY D 55 29.74 -19.37 -23.77
N PHE D 56 28.77 -18.89 -23.00
CA PHE D 56 28.49 -19.42 -21.66
C PHE D 56 27.85 -20.81 -21.60
N HIS D 57 28.10 -21.49 -20.49
CA HIS D 57 27.59 -22.82 -20.23
C HIS D 57 27.14 -22.85 -18.76
N GLU D 58 26.21 -23.74 -18.43
CA GLU D 58 25.62 -23.73 -17.10
C GLU D 58 26.56 -24.31 -16.02
N ALA D 59 27.07 -23.44 -15.16
CA ALA D 59 27.90 -23.89 -14.05
C ALA D 59 27.04 -24.48 -12.93
N ILE D 60 27.66 -25.31 -12.10
CA ILE D 60 26.99 -25.94 -10.96
C ILE D 60 28.03 -26.08 -9.88
N GLY D 61 27.67 -25.74 -8.65
CA GLY D 61 28.63 -25.69 -7.56
C GLY D 61 29.02 -24.27 -7.23
N SER D 62 30.10 -24.13 -6.47
CA SER D 62 30.57 -22.83 -6.00
C SER D 62 30.75 -21.78 -7.11
N PRO D 63 30.60 -20.50 -6.76
CA PRO D 63 30.68 -19.44 -7.77
C PRO D 63 32.11 -18.93 -7.96
N LYS D 65 34.60 -15.83 -9.83
CA LYS D 65 34.53 -14.42 -10.23
C LYS D 65 34.20 -14.22 -11.71
N GLY D 66 32.94 -13.93 -12.00
CA GLY D 66 32.53 -13.73 -13.38
C GLY D 66 31.29 -14.54 -13.68
N ASP D 67 31.00 -15.52 -12.83
CA ASP D 67 29.82 -16.38 -12.99
C ASP D 67 28.52 -15.56 -13.01
N VAL D 68 27.58 -15.98 -13.85
CA VAL D 68 26.36 -15.20 -14.02
C VAL D 68 25.12 -15.99 -13.62
N ILE D 69 24.34 -15.43 -12.71
CA ILE D 69 23.12 -16.07 -12.32
C ILE D 69 21.92 -15.39 -12.96
N VAL D 70 20.95 -16.22 -13.33
CA VAL D 70 19.70 -15.80 -13.94
C VAL D 70 18.61 -16.40 -13.06
N ILE D 71 17.80 -15.53 -12.46
CA ILE D 71 16.79 -15.93 -11.50
C ILE D 71 15.40 -15.61 -12.00
N GLN D 72 14.48 -16.52 -11.70
CA GLN D 72 13.09 -16.40 -12.08
C GLN D 72 12.25 -15.61 -11.06
N PRO D 73 11.09 -15.07 -11.51
CA PRO D 73 10.17 -14.21 -10.76
C PRO D 73 9.95 -14.61 -9.31
N ALA D 74 9.85 -13.60 -8.45
CA ALA D 74 9.43 -13.79 -7.07
C ALA D 74 8.15 -12.98 -6.93
N PRO D 75 7.44 -13.10 -5.80
CA PRO D 75 6.25 -12.25 -5.67
C PRO D 75 6.60 -10.77 -5.60
N GLY D 76 5.86 -9.95 -6.36
CA GLY D 76 6.17 -8.54 -6.47
C GLY D 76 7.32 -8.23 -7.42
N HIS D 77 7.85 -9.26 -8.09
CA HIS D 77 9.00 -9.07 -8.96
C HIS D 77 8.89 -9.97 -10.18
N PRO D 78 8.01 -9.59 -11.12
CA PRO D 78 7.63 -10.44 -12.25
C PRO D 78 8.75 -10.69 -13.27
N HIS D 79 9.76 -9.84 -13.34
CA HIS D 79 10.77 -9.97 -14.40
C HIS D 79 12.04 -10.75 -14.04
N GLY D 80 12.09 -11.33 -12.83
CA GLY D 80 13.28 -12.04 -12.38
C GLY D 80 14.48 -11.13 -12.09
N HIS D 81 15.68 -11.71 -12.05
CA HIS D 81 16.88 -10.96 -11.63
C HIS D 81 18.19 -11.57 -12.17
N ALA D 83 22.60 -11.51 -12.05
CA ALA D 83 23.76 -11.07 -11.26
C ALA D 83 25.08 -11.62 -11.77
N ILE D 84 26.17 -10.94 -11.44
CA ILE D 84 27.52 -11.46 -11.71
C ILE D 84 28.47 -11.40 -10.49
N TYR D 85 28.92 -12.56 -10.05
CA TYR D 85 29.81 -12.70 -8.90
C TYR D 85 31.10 -11.89 -9.06
N ASP D 86 31.59 -11.28 -7.98
CA ASP D 86 32.86 -10.54 -8.03
C ASP D 86 33.99 -11.29 -7.28
N GLY D 87 33.73 -12.54 -6.93
CA GLY D 87 34.63 -13.33 -6.11
C GLY D 87 34.21 -13.36 -4.66
N SER D 88 33.47 -12.33 -4.22
CA SER D 88 32.99 -12.21 -2.85
C SER D 88 31.49 -11.92 -2.81
N HIS D 89 31.03 -11.09 -3.73
CA HIS D 89 29.62 -10.69 -3.78
C HIS D 89 28.99 -10.88 -5.15
N TRP D 90 27.70 -11.18 -5.16
CA TRP D 90 26.95 -11.13 -6.41
C TRP D 90 26.67 -9.68 -6.76
N ILE D 91 26.75 -9.34 -8.04
CA ILE D 91 26.57 -7.96 -8.49
C ILE D 91 25.59 -7.83 -9.66
N SER D 92 24.55 -7.03 -9.45
CA SER D 92 23.61 -6.66 -10.50
C SER D 92 23.72 -5.14 -10.71
N ASP D 93 22.63 -4.40 -10.54
CA ASP D 93 22.69 -2.93 -10.64
C ASP D 93 23.08 -2.30 -9.31
N PHE D 94 23.20 -3.14 -8.28
CA PHE D 94 23.73 -2.71 -6.99
C PHE D 94 24.59 -3.82 -6.36
N LYS D 95 25.35 -3.49 -5.33
CA LYS D 95 26.12 -4.51 -4.61
C LYS D 95 25.24 -5.30 -3.63
N GLN D 96 25.17 -6.63 -3.80
CA GLN D 96 24.31 -7.46 -2.98
C GLN D 96 25.07 -7.95 -1.76
N LEU D 97 24.78 -7.36 -0.60
CA LEU D 97 25.48 -7.70 0.63
C LEU D 97 25.00 -9.01 1.23
N HIS D 98 23.92 -9.59 0.72
CA HIS D 98 23.36 -10.74 1.42
C HIS D 98 23.54 -12.07 0.68
N GLY D 99 23.51 -12.01 -0.65
CA GLY D 99 23.57 -13.24 -1.43
C GLY D 99 23.07 -13.05 -2.85
N PHE D 100 22.87 -14.14 -3.59
CA PHE D 100 22.47 -13.99 -4.99
C PHE D 100 21.01 -13.59 -5.17
N TYR D 101 20.22 -13.83 -4.13
CA TYR D 101 18.85 -13.33 -4.04
C TYR D 101 18.98 -11.83 -3.60
N PRO D 102 18.37 -10.91 -4.36
CA PRO D 102 18.52 -9.48 -4.12
C PRO D 102 17.56 -8.89 -3.05
N GLY D 103 16.71 -9.74 -2.48
CA GLY D 103 15.82 -9.30 -1.41
C GLY D 103 14.88 -10.36 -0.86
N PRO D 104 14.09 -9.97 0.18
CA PRO D 104 13.25 -10.90 0.96
C PRO D 104 12.21 -11.64 0.13
N ALA D 105 11.68 -11.01 -0.91
CA ALA D 105 10.70 -11.70 -1.77
C ALA D 105 11.30 -12.96 -2.36
N TYR D 106 12.51 -12.82 -2.90
CA TYR D 106 13.26 -13.93 -3.45
C TYR D 106 13.65 -14.98 -2.41
N ARG D 107 14.23 -14.53 -1.30
CA ARG D 107 14.72 -15.45 -0.27
C ARG D 107 13.57 -16.23 0.36
N SER D 108 12.39 -15.65 0.33
CA SER D 108 11.23 -16.28 0.93
C SER D 108 10.64 -17.26 -0.05
N ALA D 109 10.50 -16.83 -1.30
CA ALA D 109 9.84 -17.68 -2.28
C ALA D 109 10.76 -18.73 -2.96
N LYS D 110 12.06 -18.51 -2.86
CA LYS D 110 13.08 -19.41 -3.42
C LYS D 110 12.75 -19.91 -4.83
N PRO D 111 12.74 -18.98 -5.80
CA PRO D 111 12.44 -19.38 -7.17
C PRO D 111 13.66 -20.03 -7.81
N ALA D 112 13.43 -20.78 -8.89
CA ALA D 112 14.47 -21.48 -9.60
C ALA D 112 15.50 -20.49 -10.14
N TYR D 113 16.75 -20.94 -10.22
CA TYR D 113 17.81 -20.13 -10.80
C TYR D 113 18.81 -20.98 -11.57
N LYS D 114 19.59 -20.33 -12.41
CA LYS D 114 20.66 -20.99 -13.15
C LYS D 114 21.94 -20.15 -13.16
N THR D 115 23.06 -20.82 -12.92
CA THR D 115 24.36 -20.17 -12.96
C THR D 115 25.02 -20.55 -14.29
N TYR D 116 25.88 -19.66 -14.78
CA TYR D 116 26.46 -19.79 -16.12
C TYR D 116 27.93 -19.38 -16.09
N SER E 30 11.86 -12.00 29.94
CA SER E 30 12.14 -10.65 29.44
C SER E 30 11.82 -10.44 27.94
N PRO E 31 11.19 -9.30 27.59
CA PRO E 31 10.86 -9.01 26.20
C PRO E 31 12.02 -8.40 25.40
N GLU E 32 12.92 -7.69 26.07
CA GLU E 32 14.12 -7.21 25.38
C GLU E 32 14.94 -8.41 24.93
N ALA E 33 14.94 -9.44 25.77
CA ALA E 33 15.66 -10.68 25.53
C ALA E 33 14.94 -11.55 24.50
N ALA E 34 13.62 -11.60 24.57
CA ALA E 34 12.83 -12.19 23.50
C ALA E 34 13.21 -11.53 22.15
N ALA E 35 13.37 -10.21 22.16
CA ALA E 35 13.73 -9.44 20.97
C ALA E 35 15.10 -9.81 20.41
N ILE E 36 16.13 -9.74 21.25
CA ILE E 36 17.46 -10.05 20.75
C ILE E 36 17.52 -11.52 20.27
N SER E 37 16.92 -12.40 21.07
CA SER E 37 16.90 -13.82 20.78
C SER E 37 16.27 -14.07 19.42
N PHE E 38 15.10 -13.45 19.22
CA PHE E 38 14.44 -13.46 17.92
C PHE E 38 15.33 -13.04 16.76
N TYR E 39 15.94 -11.86 16.83
CA TYR E 39 16.63 -11.36 15.65
C TYR E 39 17.92 -12.08 15.35
N THR E 40 18.52 -12.66 16.39
CA THR E 40 19.67 -13.55 16.22
C THR E 40 19.23 -14.80 15.41
N TRP E 41 18.22 -15.49 15.92
CA TRP E 41 17.67 -16.62 15.18
C TRP E 41 17.27 -16.24 13.73
N PHE E 42 16.68 -15.05 13.59
CA PHE E 42 16.21 -14.54 12.30
C PHE E 42 17.34 -14.42 11.30
N ILE E 43 18.36 -13.65 11.69
CA ILE E 43 19.44 -13.35 10.75
C ILE E 43 20.17 -14.63 10.37
N GLN E 44 20.37 -15.52 11.33
CA GLN E 44 20.99 -16.79 10.98
C GLN E 44 20.11 -17.64 10.07
N HIS E 45 18.81 -17.39 10.05
CA HIS E 45 17.96 -18.14 9.11
C HIS E 45 17.54 -17.33 7.90
N ASP E 46 18.27 -16.26 7.64
CA ASP E 46 17.99 -15.40 6.50
C ASP E 46 19.12 -15.54 5.50
N SER E 47 19.02 -16.57 4.65
CA SER E 47 20.10 -16.96 3.73
C SER E 47 19.55 -17.11 2.31
N ASP E 48 20.35 -17.70 1.43
CA ASP E 48 19.88 -18.04 0.09
C ASP E 48 19.24 -19.42 0.04
N GLN E 49 19.29 -20.13 1.16
CA GLN E 49 18.73 -21.49 1.20
C GLN E 49 17.51 -21.50 2.10
N THR E 50 17.45 -20.56 3.03
CA THR E 50 16.33 -20.51 3.94
C THR E 50 15.88 -19.07 4.24
N TYR E 51 14.63 -18.95 4.68
CA TYR E 51 14.05 -17.68 5.11
C TYR E 51 13.17 -17.96 6.34
N PRO E 52 13.27 -17.11 7.39
CA PRO E 52 12.70 -17.49 8.69
C PRO E 52 11.19 -17.73 8.69
N LEU E 53 10.50 -17.18 7.70
CA LEU E 53 9.04 -17.28 7.60
C LEU E 53 8.64 -18.66 7.09
N SER E 54 9.55 -19.29 6.36
CA SER E 54 9.37 -20.65 5.86
C SER E 54 9.73 -21.68 6.94
N GLU E 55 10.31 -21.23 8.05
CA GLU E 55 10.65 -22.10 9.19
C GLU E 55 9.49 -22.35 10.15
N PRO E 56 9.31 -23.61 10.59
CA PRO E 56 8.32 -23.90 11.64
C PRO E 56 8.67 -23.18 12.94
N ASP E 57 9.98 -23.06 13.20
CA ASP E 57 10.50 -22.31 14.35
C ASP E 57 9.94 -20.88 14.47
N ILE E 58 9.49 -20.28 13.36
CA ILE E 58 8.89 -18.95 13.41
C ILE E 58 7.76 -18.87 14.43
N GLU E 59 6.96 -19.93 14.55
CA GLU E 59 5.83 -19.93 15.47
C GLU E 59 6.28 -19.62 16.91
N ARG E 60 7.51 -20.04 17.24
CA ARG E 60 8.08 -19.86 18.58
C ARG E 60 8.12 -18.41 18.95
N TYR E 61 8.48 -17.59 17.96
CA TYR E 61 8.85 -16.19 18.20
C TYR E 61 7.75 -15.21 17.84
N VAL E 62 6.84 -15.64 16.97
CA VAL E 62 5.84 -14.75 16.38
C VAL E 62 4.41 -15.29 16.57
N ALA E 63 3.48 -14.41 16.93
CA ALA E 63 2.08 -14.75 17.05
C ALA E 63 1.53 -15.39 15.76
N THR E 64 0.64 -16.36 15.94
CA THR E 64 0.15 -17.23 14.85
C THR E 64 -0.55 -16.48 13.70
N ASP E 65 -1.52 -15.65 14.04
CA ASP E 65 -2.23 -14.82 13.06
C ASP E 65 -1.29 -13.93 12.26
N THR E 66 -0.30 -13.35 12.94
CA THR E 66 0.71 -12.52 12.30
C THR E 66 1.53 -13.29 11.27
N VAL E 67 1.93 -14.51 11.62
CA VAL E 67 2.61 -15.38 10.68
C VAL E 67 1.73 -15.72 9.49
N GLY E 68 0.46 -16.04 9.76
CA GLY E 68 -0.46 -16.39 8.69
C GLY E 68 -0.60 -15.26 7.69
N ARG E 69 -0.85 -14.07 8.22
CA ARG E 69 -0.94 -12.86 7.39
C ARG E 69 0.35 -12.60 6.60
N LEU E 70 1.49 -12.60 7.30
CA LEU E 70 2.77 -12.33 6.64
C LEU E 70 3.02 -13.29 5.50
N ARG E 71 2.80 -14.59 5.74
CA ARG E 71 2.99 -15.62 4.71
C ARG E 71 2.10 -15.38 3.49
N ASN E 72 0.84 -15.07 3.73
CA ASN E 72 -0.03 -14.68 2.64
C ASN E 72 0.54 -13.49 1.86
N ASP E 73 0.85 -12.39 2.58
CA ASP E 73 1.51 -11.21 2.00
C ASP E 73 2.64 -11.62 1.06
N TYR E 74 3.63 -12.33 1.61
CA TYR E 74 4.86 -12.68 0.91
C TYR E 74 4.59 -13.58 -0.31
N ALA E 75 3.55 -14.41 -0.21
CA ALA E 75 3.20 -15.29 -1.31
C ALA E 75 2.54 -14.57 -2.50
N HIS E 76 1.74 -13.54 -2.22
CA HIS E 76 0.99 -12.87 -3.27
C HIS E 76 1.59 -11.54 -3.75
N ALA E 77 1.33 -10.47 -3.00
CA ALA E 77 1.84 -9.14 -3.35
C ALA E 77 3.32 -9.00 -3.03
N GLY E 78 3.78 -9.68 -1.99
CA GLY E 78 5.17 -9.61 -1.59
C GLY E 78 5.21 -9.12 -0.17
N PRO E 79 6.42 -8.92 0.37
CA PRO E 79 6.49 -8.28 1.70
C PRO E 79 5.89 -6.86 1.63
N PRO E 80 5.15 -6.46 2.67
CA PRO E 80 4.58 -5.10 2.72
C PRO E 80 5.63 -4.02 2.47
N ASN E 81 5.31 -3.13 1.54
CA ASN E 81 6.15 -1.99 1.16
C ASN E 81 7.52 -2.33 0.58
N GLY E 82 7.70 -3.60 0.20
CA GLY E 82 8.88 -4.00 -0.55
C GLY E 82 10.06 -4.46 0.28
N VAL E 83 10.01 -4.22 1.58
CA VAL E 83 11.19 -4.45 2.38
C VAL E 83 10.91 -5.61 3.29
N ASP E 84 11.96 -6.10 3.94
CA ASP E 84 11.79 -7.20 4.88
C ASP E 84 10.84 -6.70 5.97
N TYR E 85 9.85 -7.50 6.32
CA TYR E 85 8.89 -7.02 7.30
C TYR E 85 9.51 -6.89 8.70
N PHE E 86 10.55 -7.68 8.98
CA PHE E 86 11.10 -7.79 10.32
C PHE E 86 12.35 -6.93 10.49
N LEU E 87 13.07 -6.74 9.40
CA LEU E 87 14.29 -5.95 9.43
C LEU E 87 14.08 -4.60 8.77
N LYS E 88 12.96 -4.43 8.08
CA LYS E 88 12.62 -3.20 7.33
C LYS E 88 13.66 -2.71 6.32
N VAL E 89 14.42 -3.64 5.74
CA VAL E 89 15.35 -3.32 4.64
C VAL E 89 15.26 -4.32 3.47
N GLN E 90 15.72 -3.93 2.28
CA GLN E 90 15.93 -4.93 1.21
C GLN E 90 17.18 -5.75 1.44
N ASP E 91 18.28 -5.05 1.75
CA ASP E 91 19.61 -5.68 1.72
C ASP E 91 20.43 -5.35 2.98
N TYR E 92 21.16 -6.35 3.48
CA TYR E 92 22.06 -6.11 4.60
C TYR E 92 23.22 -7.11 4.66
N ASP E 93 24.25 -6.73 5.39
CA ASP E 93 25.37 -7.62 5.64
C ASP E 93 25.09 -8.47 6.89
N SER E 94 24.86 -9.76 6.70
CA SER E 94 24.58 -10.70 7.79
C SER E 94 25.52 -10.51 8.99
N ARG E 95 26.82 -10.44 8.72
CA ARG E 95 27.83 -10.41 9.78
C ARG E 95 27.82 -9.12 10.60
N ASP E 96 27.80 -7.97 9.93
CA ASP E 96 27.70 -6.69 10.62
C ASP E 96 26.43 -6.59 11.46
N TRP E 97 25.31 -6.99 10.87
CA TRP E 97 24.04 -6.92 11.57
C TRP E 97 23.97 -7.83 12.79
N LEU E 98 24.38 -9.08 12.64
CA LEU E 98 24.29 -10.08 13.70
C LEU E 98 25.14 -9.72 14.92
N ALA E 99 26.14 -8.87 14.69
CA ALA E 99 27.03 -8.48 15.76
C ALA E 99 26.76 -7.05 16.18
N HIS E 100 25.64 -6.50 15.75
CA HIS E 100 25.25 -5.15 16.18
C HIS E 100 23.74 -5.01 16.32
N ILE E 101 23.14 -5.92 17.07
CA ILE E 101 21.73 -5.86 17.41
C ILE E 101 21.55 -5.15 18.74
N GLN E 102 21.20 -3.87 18.71
CA GLN E 102 21.14 -3.08 19.94
C GLN E 102 19.71 -2.71 20.36
N VAL E 103 19.29 -3.20 21.52
CA VAL E 103 17.95 -2.88 22.03
C VAL E 103 18.00 -1.75 23.07
N GLN E 104 16.88 -1.05 23.21
CA GLN E 104 16.69 -0.11 24.31
C GLN E 104 15.60 -0.67 25.22
N ARG E 105 15.58 -0.23 26.49
CA ARG E 105 14.63 -0.72 27.50
C ARG E 105 13.17 -0.72 26.99
N ALA E 106 12.43 -1.74 27.39
CA ALA E 106 11.07 -1.92 26.89
C ALA E 106 10.06 -0.87 27.38
N LEU E 107 9.06 -0.62 26.54
CA LEU E 107 7.86 0.14 26.92
C LEU E 107 6.73 -0.80 27.27
N LEU E 109 2.83 -0.64 27.16
CA LEU E 109 1.59 0.01 26.80
C LEU E 109 0.49 -1.01 27.03
N GLY E 110 -0.03 -1.04 28.25
CA GLY E 110 -0.98 -2.06 28.65
C GLY E 110 -0.26 -3.37 28.68
N ASP E 111 -0.84 -4.37 28.02
CA ASP E 111 -0.27 -5.70 27.94
C ASP E 111 0.64 -5.88 26.71
N VAL E 112 0.86 -4.80 25.97
CA VAL E 112 1.72 -4.85 24.79
C VAL E 112 3.08 -4.25 25.11
N ALA E 113 4.13 -5.07 24.95
CA ALA E 113 5.49 -4.58 25.15
C ALA E 113 6.09 -4.06 23.85
N VAL E 114 6.73 -2.89 23.91
CA VAL E 114 7.40 -2.35 22.73
C VAL E 114 8.90 -2.22 22.93
N VAL E 115 9.68 -2.88 22.08
CA VAL E 115 11.12 -2.83 22.21
C VAL E 115 11.72 -2.18 20.98
N PRO E 116 12.41 -1.03 21.17
CA PRO E 116 13.14 -0.34 20.10
C PRO E 116 14.42 -1.13 19.80
N VAL E 117 14.67 -1.42 18.52
CA VAL E 117 15.86 -2.18 18.13
C VAL E 117 16.60 -1.49 16.99
N SER E 118 17.93 -1.55 17.03
CA SER E 118 18.75 -1.04 15.93
C SER E 118 19.70 -2.13 15.43
N PHE E 119 20.03 -2.05 14.15
CA PHE E 119 20.90 -3.04 13.52
C PHE E 119 22.06 -2.36 12.82
N GLY E 120 23.22 -3.02 12.84
CA GLY E 120 24.39 -2.52 12.15
C GLY E 120 25.24 -1.53 12.93
N SER E 121 26.51 -1.43 12.53
CA SER E 121 27.50 -0.64 13.24
C SER E 121 27.56 0.81 12.75
N GLN E 122 27.27 1.00 11.48
CA GLN E 122 27.27 2.33 10.92
C GLN E 122 25.95 2.57 10.20
N ASP E 123 25.35 3.73 10.43
CA ASP E 123 24.04 4.05 9.88
C ASP E 123 22.98 3.00 10.23
N PRO E 124 22.66 2.87 11.52
CA PRO E 124 21.81 1.76 11.94
C PRO E 124 20.36 1.93 11.50
N VAL E 125 19.69 0.79 11.31
CA VAL E 125 18.28 0.76 10.97
C VAL E 125 17.48 0.59 12.25
N HIS E 126 16.42 1.39 12.40
CA HIS E 126 15.64 1.39 13.64
C HIS E 126 14.23 0.85 13.47
N VAL E 127 13.87 -0.11 14.33
CA VAL E 127 12.50 -0.64 14.36
C VAL E 127 11.88 -0.66 15.76
N LEU E 128 10.57 -0.89 15.81
CA LEU E 128 9.87 -1.17 17.06
C LEU E 128 9.20 -2.54 17.01
N VAL E 129 9.56 -3.42 17.93
CA VAL E 129 8.96 -4.73 17.99
C VAL E 129 7.84 -4.70 19.00
N PHE E 130 6.66 -5.17 18.61
CA PHE E 130 5.51 -5.30 19.50
C PHE E 130 5.34 -6.76 19.96
N LEU E 131 5.25 -6.97 21.27
CA LEU E 131 5.18 -8.30 21.88
C LEU E 131 4.08 -8.49 22.91
N LYS E 132 3.25 -9.51 22.74
CA LYS E 132 2.29 -9.88 23.79
C LYS E 132 2.82 -11.08 24.55
N ARG E 133 2.41 -11.23 25.81
CA ARG E 133 2.65 -12.50 26.51
C ARG E 133 1.55 -13.46 26.08
N VAL E 134 1.95 -14.60 25.51
CA VAL E 134 0.99 -15.51 24.88
C VAL E 134 0.75 -16.78 25.70
N ASP E 135 1.83 -17.46 26.07
CA ASP E 135 1.70 -18.41 27.16
C ASP E 135 2.60 -18.00 28.32
N ALA E 136 3.81 -18.55 28.33
CA ALA E 136 4.83 -18.13 29.28
C ALA E 136 5.84 -17.33 28.49
N THR E 137 5.42 -16.89 27.31
CA THR E 137 6.36 -16.35 26.35
C THR E 137 5.88 -15.04 25.77
N TRP E 138 6.84 -14.22 25.34
CA TRP E 138 6.57 -13.06 24.52
C TRP E 138 6.48 -13.45 23.06
N LYS E 139 5.33 -13.23 22.43
CA LYS E 139 5.26 -13.40 20.99
C LYS E 139 5.25 -12.04 20.31
N ILE E 140 5.91 -11.96 19.19
CA ILE E 140 5.91 -10.75 18.37
C ILE E 140 4.60 -10.61 17.60
N ILE E 141 3.98 -9.44 17.71
CA ILE E 141 2.67 -9.22 17.10
C ILE E 141 2.68 -8.16 16.01
N LYS E 142 3.79 -7.44 15.91
CA LYS E 142 3.94 -6.39 14.91
C LYS E 142 5.36 -5.88 14.96
N ILE E 143 5.83 -5.39 13.82
CA ILE E 143 7.09 -4.68 13.74
C ILE E 143 6.87 -3.36 12.98
N ASP E 144 7.37 -2.25 13.54
CA ASP E 144 7.26 -0.94 12.89
C ASP E 144 8.57 -0.35 12.41
N ASP E 145 8.49 0.27 11.24
CA ASP E 145 9.54 1.12 10.71
C ASP E 145 9.40 2.53 11.30
N THR E 146 10.37 3.40 11.07
CA THR E 146 10.25 4.77 11.53
C THR E 146 9.81 5.71 10.41
N TRP E 147 9.36 5.15 9.29
CA TRP E 147 9.02 5.93 8.09
C TRP E 147 7.75 6.73 8.31
N GLU E 148 7.58 7.83 7.57
CA GLU E 148 6.34 8.59 7.67
C GLU E 148 5.14 7.82 7.13
N TYR E 149 3.94 8.33 7.42
CA TYR E 149 2.70 7.71 6.96
C TYR E 149 2.69 7.68 5.43
N ARG E 150 2.34 6.53 4.83
CA ARG E 150 2.21 6.42 3.35
C ARG E 150 0.77 6.14 2.95
N SER F 30 1.22 19.78 -25.53
CA SER F 30 1.95 20.28 -24.36
C SER F 30 2.12 19.18 -23.28
N PRO F 31 1.06 18.39 -23.00
CA PRO F 31 1.38 17.18 -22.22
C PRO F 31 2.15 16.16 -23.08
N GLU F 32 1.77 16.01 -24.34
CA GLU F 32 2.53 15.21 -25.29
C GLU F 32 3.97 15.70 -25.30
N ALA F 33 4.10 17.02 -25.24
CA ALA F 33 5.39 17.69 -25.33
C ALA F 33 6.27 17.37 -24.13
N ALA F 34 5.69 17.47 -22.94
CA ALA F 34 6.40 17.14 -21.70
C ALA F 34 6.85 15.69 -21.79
N ALA F 35 5.94 14.83 -22.21
CA ALA F 35 6.25 13.41 -22.34
C ALA F 35 7.49 13.20 -23.20
N ILE F 36 7.52 13.86 -24.36
CA ILE F 36 8.65 13.69 -25.26
C ILE F 36 9.97 14.31 -24.75
N SER F 37 9.92 15.53 -24.23
CA SER F 37 11.14 16.18 -23.79
C SER F 37 11.71 15.36 -22.65
N PHE F 38 10.81 14.89 -21.78
CA PHE F 38 11.20 14.08 -20.62
C PHE F 38 11.84 12.79 -21.03
N TYR F 39 11.18 12.01 -21.87
CA TYR F 39 11.72 10.69 -22.22
C TYR F 39 13.02 10.80 -23.04
N THR F 40 13.09 11.83 -23.88
CA THR F 40 14.28 12.07 -24.67
C THR F 40 15.42 12.37 -23.71
N TRP F 41 15.18 13.32 -22.83
CA TRP F 41 16.14 13.68 -21.79
C TRP F 41 16.58 12.44 -20.99
N PHE F 42 15.61 11.58 -20.67
CA PHE F 42 15.78 10.44 -19.77
C PHE F 42 16.66 9.37 -20.38
N ILE F 43 16.31 8.93 -21.59
CA ILE F 43 17.12 7.93 -22.28
C ILE F 43 18.50 8.49 -22.64
N GLN F 44 18.57 9.76 -23.02
CA GLN F 44 19.86 10.42 -23.25
C GLN F 44 20.84 10.16 -22.11
N HIS F 45 20.34 10.31 -20.87
CA HIS F 45 21.15 10.25 -19.67
C HIS F 45 21.54 8.85 -19.24
N ASP F 46 21.21 7.85 -20.06
CA ASP F 46 21.48 6.45 -19.74
C ASP F 46 22.94 6.20 -19.35
N THR F 50 25.34 8.46 -13.88
CA THR F 50 24.35 8.76 -12.84
C THR F 50 22.91 8.41 -13.28
N TYR F 51 22.13 7.84 -12.36
CA TYR F 51 20.70 7.61 -12.58
C TYR F 51 19.96 8.97 -12.57
N PRO F 52 19.01 9.15 -13.52
CA PRO F 52 18.40 10.48 -13.69
C PRO F 52 17.43 10.91 -12.59
N LEU F 53 16.93 9.94 -11.82
CA LEU F 53 15.99 10.25 -10.73
C LEU F 53 16.68 11.07 -9.64
N SER F 54 17.96 10.80 -9.42
CA SER F 54 18.73 11.49 -8.38
C SER F 54 19.17 12.89 -8.82
N GLU F 55 19.05 13.17 -10.11
CA GLU F 55 19.37 14.48 -10.66
C GLU F 55 18.21 15.45 -10.52
N PRO F 56 18.48 16.72 -10.22
CA PRO F 56 17.43 17.70 -9.94
C PRO F 56 16.67 18.09 -11.19
N ASP F 57 17.33 17.92 -12.33
CA ASP F 57 16.75 18.24 -13.62
C ASP F 57 15.43 17.49 -13.86
N ILE F 58 15.30 16.31 -13.24
CA ILE F 58 14.10 15.49 -13.40
C ILE F 58 12.85 16.19 -12.89
N GLU F 59 13.05 17.20 -12.05
CA GLU F 59 11.93 17.94 -11.50
C GLU F 59 11.29 18.81 -12.57
N ARG F 60 12.02 19.04 -13.66
CA ARG F 60 11.44 19.78 -14.77
C ARG F 60 10.35 18.96 -15.44
N TYR F 61 10.43 17.63 -15.29
CA TYR F 61 9.49 16.75 -15.95
C TYR F 61 8.49 16.01 -15.04
N VAL F 62 8.82 15.84 -13.77
CA VAL F 62 8.04 14.99 -12.86
C VAL F 62 7.53 15.78 -11.67
N ALA F 63 6.22 15.72 -11.41
CA ALA F 63 5.62 16.30 -10.22
C ALA F 63 6.44 16.05 -8.95
N THR F 64 6.42 17.04 -8.05
CA THR F 64 7.43 17.13 -7.00
C THR F 64 7.25 16.08 -5.89
N ASP F 65 6.01 15.94 -5.37
CA ASP F 65 5.71 14.85 -4.45
C ASP F 65 6.04 13.51 -5.13
N THR F 66 5.78 13.42 -6.43
CA THR F 66 6.03 12.19 -7.15
C THR F 66 7.51 11.84 -7.18
N VAL F 67 8.34 12.87 -7.36
CA VAL F 67 9.80 12.67 -7.32
C VAL F 67 10.21 12.21 -5.91
N GLY F 68 9.64 12.86 -4.91
CA GLY F 68 10.00 12.54 -3.54
C GLY F 68 9.73 11.08 -3.23
N ARG F 69 8.47 10.70 -3.43
CA ARG F 69 8.03 9.35 -3.20
C ARG F 69 8.88 8.34 -4.01
N LEU F 70 9.18 8.67 -5.26
CA LEU F 70 9.99 7.75 -6.05
C LEU F 70 11.42 7.57 -5.49
N ARG F 71 12.08 8.67 -5.14
CA ARG F 71 13.44 8.57 -4.57
C ARG F 71 13.46 7.79 -3.26
N ASN F 72 12.42 8.02 -2.47
CA ASN F 72 12.25 7.29 -1.24
C ASN F 72 12.10 5.79 -1.47
N ASP F 73 11.19 5.42 -2.36
CA ASP F 73 10.92 4.02 -2.62
C ASP F 73 12.11 3.33 -3.26
N TYR F 74 12.84 4.06 -4.11
CA TYR F 74 14.07 3.54 -4.74
C TYR F 74 15.12 3.27 -3.69
N ALA F 75 15.27 4.20 -2.75
CA ALA F 75 16.20 4.00 -1.65
C ALA F 75 15.82 2.80 -0.77
N HIS F 76 14.53 2.63 -0.52
CA HIS F 76 14.09 1.64 0.47
C HIS F 76 14.03 0.24 -0.08
N ALA F 77 13.37 0.09 -1.23
CA ALA F 77 13.04 -1.22 -1.76
C ALA F 77 13.40 -1.38 -3.23
N GLY F 78 13.90 -0.31 -3.86
CA GLY F 78 13.95 -0.27 -5.31
C GLY F 78 12.57 0.02 -5.87
N PRO F 79 12.48 0.28 -7.19
CA PRO F 79 11.20 0.63 -7.84
C PRO F 79 10.22 -0.55 -7.84
N PRO F 80 8.93 -0.24 -7.99
CA PRO F 80 7.85 -1.25 -8.06
C PRO F 80 8.11 -2.38 -9.08
N ASN F 81 7.81 -3.61 -8.68
CA ASN F 81 7.98 -4.76 -9.56
C ASN F 81 9.41 -5.00 -10.04
N GLY F 82 10.35 -4.24 -9.47
CA GLY F 82 11.76 -4.34 -9.81
C GLY F 82 12.14 -4.04 -11.26
N VAL F 83 11.33 -3.24 -11.95
CA VAL F 83 11.71 -2.65 -13.23
C VAL F 83 11.82 -1.16 -13.08
N ASP F 84 12.62 -0.56 -13.96
CA ASP F 84 12.71 0.89 -14.04
C ASP F 84 11.32 1.51 -14.06
N TYR F 85 11.11 2.51 -13.22
CA TYR F 85 9.77 3.05 -13.11
C TYR F 85 9.31 3.77 -14.37
N PHE F 86 10.25 4.30 -15.14
CA PHE F 86 9.88 5.20 -16.22
C PHE F 86 9.81 4.44 -17.54
N LEU F 87 10.73 3.49 -17.72
CA LEU F 87 10.80 2.67 -18.95
C LEU F 87 10.15 1.28 -18.84
N LYS F 88 9.90 0.81 -17.61
CA LYS F 88 9.13 -0.41 -17.38
C LYS F 88 9.84 -1.69 -17.81
N VAL F 89 11.16 -1.59 -17.94
CA VAL F 89 12.00 -2.70 -18.39
C VAL F 89 13.27 -2.79 -17.55
N GLN F 90 13.85 -3.98 -17.49
CA GLN F 90 15.13 -4.21 -16.83
C GLN F 90 16.31 -4.00 -17.80
N ASP F 91 16.01 -4.07 -19.09
CA ASP F 91 17.00 -3.85 -20.13
C ASP F 91 16.32 -3.45 -21.42
N TYR F 92 17.07 -2.74 -22.26
CA TYR F 92 16.57 -2.24 -23.52
C TYR F 92 17.73 -1.79 -24.40
N ASP F 93 17.46 -1.67 -25.71
CA ASP F 93 18.40 -1.12 -26.67
C ASP F 93 18.10 0.36 -26.70
N SER F 94 18.94 1.13 -26.00
CA SER F 94 18.73 2.56 -25.82
C SER F 94 18.77 3.36 -27.12
N ARG F 95 19.66 2.98 -28.03
CA ARG F 95 19.82 3.68 -29.30
C ARG F 95 18.53 3.69 -30.12
N ASP F 96 18.00 2.50 -30.34
CA ASP F 96 16.74 2.29 -31.05
C ASP F 96 15.55 2.97 -30.37
N TRP F 97 15.52 2.88 -29.04
CA TRP F 97 14.42 3.45 -28.25
C TRP F 97 14.41 4.97 -28.33
N LEU F 98 15.60 5.56 -28.24
CA LEU F 98 15.74 7.00 -28.36
C LEU F 98 15.37 7.41 -29.79
N ALA F 99 15.63 6.49 -30.73
CA ALA F 99 15.29 6.65 -32.13
C ALA F 99 13.79 6.52 -32.38
N HIS F 100 13.12 5.71 -31.57
CA HIS F 100 11.70 5.48 -31.82
C HIS F 100 10.75 5.72 -30.63
N ILE F 101 10.53 7.00 -30.37
CA ILE F 101 9.62 7.43 -29.31
C ILE F 101 8.33 7.92 -29.93
N GLN F 102 7.32 7.05 -29.94
CA GLN F 102 6.01 7.42 -30.46
C GLN F 102 5.07 7.91 -29.34
N VAL F 103 4.46 9.07 -29.55
CA VAL F 103 3.45 9.56 -28.62
C VAL F 103 2.12 9.77 -29.31
N GLN F 104 1.06 9.19 -28.75
CA GLN F 104 -0.27 9.42 -29.25
C GLN F 104 -0.86 10.58 -28.48
N ARG F 105 -1.98 11.10 -28.98
CA ARG F 105 -2.58 12.29 -28.41
C ARG F 105 -3.09 12.03 -26.99
N ALA F 106 -2.89 13.02 -26.13
CA ALA F 106 -3.35 12.94 -24.74
C ALA F 106 -4.86 12.76 -24.62
N LEU F 107 -5.26 12.00 -23.60
CA LEU F 107 -6.66 11.88 -23.23
C LEU F 107 -6.89 12.68 -21.99
N LEU F 109 -9.05 12.96 -18.68
CA LEU F 109 -9.95 12.40 -17.68
C LEU F 109 -9.97 13.42 -16.54
N GLY F 110 -10.78 14.46 -16.70
CA GLY F 110 -10.81 15.58 -15.76
C GLY F 110 -9.51 16.36 -15.81
N ASP F 111 -8.92 16.56 -14.63
CA ASP F 111 -7.64 17.25 -14.49
C ASP F 111 -6.49 16.47 -15.11
N VAL F 112 -6.69 15.18 -15.36
CA VAL F 112 -5.55 14.31 -15.65
C VAL F 112 -5.34 13.96 -17.13
N ALA F 113 -4.11 14.19 -17.59
CA ALA F 113 -3.72 13.84 -18.95
C ALA F 113 -3.14 12.43 -19.05
N VAL F 114 -3.71 11.58 -19.89
CA VAL F 114 -3.15 10.25 -20.14
C VAL F 114 -2.50 10.17 -21.52
N VAL F 115 -1.20 9.96 -21.54
CA VAL F 115 -0.45 10.01 -22.78
C VAL F 115 0.09 8.64 -23.07
N PRO F 116 -0.34 8.04 -24.20
CA PRO F 116 0.26 6.75 -24.59
C PRO F 116 1.65 6.97 -25.19
N VAL F 117 2.61 6.17 -24.76
CA VAL F 117 3.96 6.26 -25.29
C VAL F 117 4.48 4.87 -25.68
N SER F 118 5.09 4.78 -26.87
CA SER F 118 5.73 3.56 -27.33
C SER F 118 7.22 3.83 -27.57
N PHE F 119 8.06 2.84 -27.31
CA PHE F 119 9.51 2.97 -27.51
C PHE F 119 9.98 1.81 -28.36
N GLY F 120 10.86 2.10 -29.32
CA GLY F 120 11.53 1.06 -30.09
C GLY F 120 10.87 0.83 -31.42
N SER F 121 11.55 0.08 -32.29
CA SER F 121 11.01 -0.26 -33.60
C SER F 121 10.62 -1.74 -33.64
N GLN F 122 11.29 -2.54 -32.82
CA GLN F 122 10.91 -3.94 -32.70
C GLN F 122 10.27 -4.25 -31.35
N ASP F 123 9.06 -4.80 -31.42
CA ASP F 123 8.24 -5.16 -30.27
C ASP F 123 8.14 -4.02 -29.24
N PRO F 124 7.67 -2.85 -29.70
CA PRO F 124 7.71 -1.65 -28.85
C PRO F 124 7.03 -1.87 -27.50
N VAL F 125 7.63 -1.27 -26.48
CA VAL F 125 7.08 -1.21 -25.13
C VAL F 125 6.10 -0.05 -25.02
N HIS F 126 4.96 -0.29 -24.38
CA HIS F 126 3.96 0.74 -24.21
C HIS F 126 3.80 1.14 -22.74
N VAL F 127 3.75 2.45 -22.51
CA VAL F 127 3.42 2.99 -21.20
C VAL F 127 2.34 4.05 -21.29
N LEU F 128 1.67 4.30 -20.19
CA LEU F 128 0.75 5.43 -20.09
C LEU F 128 1.31 6.40 -19.08
N VAL F 129 1.58 7.62 -19.53
CA VAL F 129 2.01 8.68 -18.64
C VAL F 129 0.83 9.52 -18.17
N PHE F 130 0.73 9.73 -16.86
CA PHE F 130 -0.30 10.61 -16.30
C PHE F 130 0.31 11.97 -15.94
N LEU F 131 -0.32 13.07 -16.36
CA LEU F 131 0.21 14.41 -16.06
C LEU F 131 -0.84 15.40 -15.51
N LYS F 132 -0.37 16.39 -14.73
CA LYS F 132 -1.27 17.41 -14.14
C LYS F 132 -0.96 18.87 -14.54
N ASP F 135 1.97 23.89 -12.94
CA ASP F 135 1.03 25.03 -13.07
C ASP F 135 0.83 25.52 -14.52
N ALA F 136 1.80 26.25 -15.04
CA ALA F 136 1.82 26.61 -16.45
C ALA F 136 2.42 25.44 -17.23
N THR F 137 3.19 24.62 -16.51
CA THR F 137 3.83 23.44 -17.08
C THR F 137 3.02 22.18 -16.77
N TRP F 138 3.20 21.17 -17.60
CA TRP F 138 2.64 19.85 -17.33
C TRP F 138 3.65 18.95 -16.62
N LYS F 139 3.24 18.34 -15.51
CA LYS F 139 4.15 17.47 -14.78
C LYS F 139 3.62 16.02 -14.69
N ILE F 140 4.55 15.07 -14.70
CA ILE F 140 4.27 13.66 -14.58
C ILE F 140 3.90 13.26 -13.15
N ILE F 141 2.70 12.72 -12.97
CA ILE F 141 2.28 12.27 -11.63
C ILE F 141 2.32 10.76 -11.43
N LYS F 142 2.38 10.01 -12.53
CA LYS F 142 2.38 8.54 -12.48
C LYS F 142 2.71 7.99 -13.86
N ILE F 143 3.35 6.82 -13.92
CA ILE F 143 3.52 6.10 -15.19
C ILE F 143 3.13 4.64 -15.02
N ASP F 144 2.27 4.15 -15.91
CA ASP F 144 1.79 2.79 -15.83
C ASP F 144 2.22 1.93 -17.04
N ASP F 145 2.39 0.62 -16.80
CA ASP F 145 2.67 -0.37 -17.85
C ASP F 145 1.37 -1.04 -18.30
N THR F 146 1.46 -2.00 -19.22
CA THR F 146 0.25 -2.64 -19.71
C THR F 146 0.05 -4.06 -19.16
N TRP F 147 0.86 -4.44 -18.18
CA TRP F 147 0.82 -5.78 -17.60
C TRP F 147 -0.45 -6.09 -16.80
N GLU F 148 -0.87 -7.35 -16.83
CA GLU F 148 -2.03 -7.83 -16.08
C GLU F 148 -1.79 -7.75 -14.56
N TYR F 149 -2.86 -7.40 -13.84
CA TYR F 149 -2.77 -7.32 -12.40
C TYR F 149 -2.99 -8.70 -11.81
N ARG F 150 -1.99 -9.17 -11.08
CA ARG F 150 -2.04 -10.49 -10.48
C ARG F 150 -0.93 -10.66 -9.44
#